data_2YRG
#
_entry.id   2YRG
#
loop_
_entity.id
_entity.type
_entity.pdbx_description
1 polymer 'Tripartite motif-containing protein 5'
2 non-polymer 'ZINC ION'
#
_entity_poly.entity_id   1
_entity_poly.type   'polypeptide(L)'
_entity_poly.pdbx_seq_one_letter_code
;GSSGSSGSPEGQKVDHCARHGEKLLLFCQEDGKVICWLCERSQEHRGHHTFPTSGPSSG
;
_entity_poly.pdbx_strand_id   A
#
loop_
_chem_comp.id
_chem_comp.type
_chem_comp.name
_chem_comp.formula
ZN non-polymer 'ZINC ION' 'Zn 2'
#
# COMPACT_ATOMS: atom_id res chain seq x y z
N GLY A 1 5.01 -9.52 -14.97
CA GLY A 1 4.44 -8.66 -13.94
C GLY A 1 5.02 -7.25 -13.97
N SER A 2 5.42 -6.76 -12.80
CA SER A 2 5.98 -5.42 -12.70
C SER A 2 7.03 -5.36 -11.60
N SER A 3 8.21 -4.82 -11.93
CA SER A 3 9.30 -4.71 -10.98
C SER A 3 8.89 -3.84 -9.79
N GLY A 4 8.29 -2.69 -10.07
CA GLY A 4 7.87 -1.80 -9.01
C GLY A 4 8.20 -0.35 -9.30
N SER A 5 7.58 0.56 -8.57
CA SER A 5 7.82 1.99 -8.77
C SER A 5 8.92 2.49 -7.81
N SER A 6 8.84 2.05 -6.56
CA SER A 6 9.82 2.46 -5.55
C SER A 6 10.52 1.25 -4.97
N GLY A 7 11.80 1.11 -5.27
CA GLY A 7 12.58 -0.01 -4.76
C GLY A 7 13.87 0.43 -4.10
N SER A 8 13.75 1.25 -3.06
CA SER A 8 14.91 1.75 -2.34
C SER A 8 14.65 1.78 -0.84
N PRO A 9 15.64 1.31 -0.05
CA PRO A 9 15.54 1.28 1.41
C PRO A 9 15.58 2.67 2.03
N GLU A 10 16.08 3.63 1.26
CA GLU A 10 16.19 5.01 1.74
C GLU A 10 14.90 5.78 1.47
N GLY A 11 13.84 5.04 1.13
CA GLY A 11 12.56 5.67 0.86
C GLY A 11 11.78 5.98 2.12
N GLN A 12 11.06 7.10 2.11
CA GLN A 12 10.28 7.51 3.26
C GLN A 12 9.28 6.43 3.66
N LYS A 13 9.61 5.70 4.72
CA LYS A 13 8.75 4.62 5.21
C LYS A 13 7.48 5.19 5.83
N VAL A 14 6.38 5.13 5.09
CA VAL A 14 5.10 5.64 5.58
C VAL A 14 3.99 4.61 5.37
N ASP A 15 3.53 4.02 6.46
CA ASP A 15 2.47 3.02 6.41
C ASP A 15 2.82 1.92 5.43
N HIS A 16 4.05 1.39 5.54
CA HIS A 16 4.51 0.32 4.66
C HIS A 16 3.96 -1.03 5.12
N CYS A 17 3.29 -1.73 4.22
CA CYS A 17 2.72 -3.02 4.53
C CYS A 17 3.77 -3.96 5.11
N ALA A 18 3.52 -4.42 6.34
CA ALA A 18 4.45 -5.32 7.02
C ALA A 18 4.43 -6.70 6.39
N ARG A 19 3.54 -6.89 5.42
CA ARG A 19 3.42 -8.18 4.74
C ARG A 19 4.18 -8.17 3.42
N HIS A 20 4.00 -7.11 2.64
CA HIS A 20 4.68 -6.97 1.36
C HIS A 20 5.77 -5.90 1.42
N GLY A 21 5.50 -4.84 2.17
CA GLY A 21 6.46 -3.76 2.30
C GLY A 21 6.14 -2.58 1.40
N GLU A 22 4.96 -2.62 0.78
CA GLU A 22 4.53 -1.55 -0.10
C GLU A 22 3.78 -0.47 0.67
N LYS A 23 3.95 0.78 0.25
CA LYS A 23 3.29 1.91 0.90
C LYS A 23 1.78 1.76 0.83
N LEU A 24 1.11 1.92 1.97
CA LEU A 24 -0.34 1.81 2.04
C LEU A 24 -1.00 3.15 1.74
N LEU A 25 -1.51 3.30 0.52
CA LEU A 25 -2.17 4.54 0.12
C LEU A 25 -3.64 4.28 -0.24
N LEU A 26 -4.07 3.04 -0.07
CA LEU A 26 -5.45 2.66 -0.36
C LEU A 26 -6.21 2.31 0.91
N PHE A 27 -7.52 2.49 0.89
CA PHE A 27 -8.36 2.19 2.04
C PHE A 27 -9.51 1.27 1.65
N CYS A 28 -9.46 0.03 2.13
CA CYS A 28 -10.49 -0.95 1.83
C CYS A 28 -11.76 -0.66 2.63
N GLN A 29 -12.91 -0.78 1.96
CA GLN A 29 -14.20 -0.53 2.60
C GLN A 29 -14.72 -1.79 3.30
N GLU A 30 -14.72 -2.91 2.57
CA GLU A 30 -15.19 -4.17 3.12
C GLU A 30 -14.53 -4.45 4.47
N ASP A 31 -13.26 -4.09 4.60
CA ASP A 31 -12.52 -4.30 5.84
C ASP A 31 -12.40 -3.01 6.63
N GLY A 32 -12.24 -1.90 5.91
CA GLY A 32 -12.11 -0.61 6.56
C GLY A 32 -10.69 -0.33 7.01
N LYS A 33 -9.72 -0.94 6.33
CA LYS A 33 -8.31 -0.76 6.68
C LYS A 33 -7.52 -0.29 5.46
N VAL A 34 -6.23 -0.03 5.67
CA VAL A 34 -5.36 0.43 4.59
C VAL A 34 -4.51 -0.72 4.05
N ILE A 35 -4.70 -1.03 2.76
CA ILE A 35 -3.96 -2.10 2.12
C ILE A 35 -3.05 -1.56 1.02
N CYS A 36 -2.14 -2.40 0.54
CA CYS A 36 -1.21 -2.01 -0.51
C CYS A 36 -1.63 -2.61 -1.86
N TRP A 37 -0.87 -2.29 -2.90
CA TRP A 37 -1.16 -2.80 -4.23
C TRP A 37 -1.32 -4.31 -4.22
N LEU A 38 -0.25 -5.01 -3.84
CA LEU A 38 -0.27 -6.47 -3.80
C LEU A 38 -1.49 -6.97 -3.03
N CYS A 39 -1.74 -6.38 -1.86
CA CYS A 39 -2.87 -6.76 -1.04
C CYS A 39 -4.18 -6.65 -1.81
N GLU A 40 -4.42 -5.47 -2.39
CA GLU A 40 -5.64 -5.24 -3.15
C GLU A 40 -5.82 -6.31 -4.22
N ARG A 41 -4.74 -6.66 -4.91
CA ARG A 41 -4.79 -7.67 -5.96
C ARG A 41 -4.57 -9.06 -5.38
N SER A 42 -4.75 -9.18 -4.05
CA SER A 42 -4.56 -10.45 -3.37
C SER A 42 -5.91 -11.09 -3.06
N GLN A 43 -5.96 -12.42 -3.11
CA GLN A 43 -7.18 -13.16 -2.84
C GLN A 43 -7.82 -12.69 -1.52
N GLU A 44 -7.02 -12.02 -0.70
CA GLU A 44 -7.50 -11.51 0.58
C GLU A 44 -8.45 -10.33 0.38
N HIS A 45 -7.99 -9.33 -0.37
CA HIS A 45 -8.79 -8.15 -0.64
C HIS A 45 -9.21 -8.10 -2.11
N ARG A 46 -9.14 -9.24 -2.78
CA ARG A 46 -9.52 -9.33 -4.18
C ARG A 46 -10.97 -8.90 -4.38
N GLY A 47 -11.18 -7.98 -5.33
CA GLY A 47 -12.53 -7.51 -5.61
C GLY A 47 -12.94 -6.40 -4.67
N HIS A 48 -12.28 -6.32 -3.52
CA HIS A 48 -12.59 -5.28 -2.53
C HIS A 48 -12.33 -3.88 -3.10
N HIS A 49 -13.27 -2.98 -2.86
CA HIS A 49 -13.14 -1.60 -3.34
C HIS A 49 -12.36 -0.75 -2.35
N THR A 50 -11.21 -0.24 -2.79
CA THR A 50 -10.37 0.59 -1.94
C THR A 50 -10.32 2.03 -2.46
N PHE A 51 -10.00 2.95 -1.57
CA PHE A 51 -9.91 4.37 -1.93
C PHE A 51 -8.56 4.94 -1.53
N PRO A 52 -8.07 5.90 -2.33
CA PRO A 52 -6.78 6.56 -2.08
C PRO A 52 -6.82 7.47 -0.86
N THR A 53 -6.09 7.09 0.18
CA THR A 53 -6.05 7.87 1.41
C THR A 53 -5.25 9.15 1.22
N SER A 54 -4.09 9.04 0.57
CA SER A 54 -3.23 10.17 0.33
C SER A 54 -2.82 10.85 1.64
N GLY A 55 -2.44 10.02 2.61
CA GLY A 55 -2.03 10.54 3.91
C GLY A 55 -3.17 11.22 4.65
N PRO A 56 -2.83 12.25 5.43
CA PRO A 56 -3.82 13.00 6.22
C PRO A 56 -4.74 13.85 5.34
N SER A 57 -5.74 13.21 4.75
CA SER A 57 -6.68 13.90 3.88
C SER A 57 -8.00 13.13 3.78
N SER A 58 -9.10 13.86 3.82
CA SER A 58 -10.42 13.25 3.73
C SER A 58 -10.78 12.91 2.29
N GLY A 59 -10.76 13.92 1.43
CA GLY A 59 -11.07 13.70 0.03
C GLY A 59 -9.83 13.71 -0.85
ZN ZN B . 0.35 -5.94 1.53
ZN ZN C . -10.63 -5.84 1.97
N GLY A 1 27.08 -0.35 -11.64
CA GLY A 1 27.48 -1.73 -11.81
C GLY A 1 28.72 -2.07 -11.00
N SER A 2 29.62 -2.85 -11.60
CA SER A 2 30.85 -3.26 -10.94
C SER A 2 31.40 -2.13 -10.07
N SER A 3 31.71 -1.00 -10.71
CA SER A 3 32.25 0.16 -10.00
C SER A 3 31.34 1.38 -10.20
N GLY A 4 31.16 2.14 -9.12
CA GLY A 4 30.32 3.32 -9.20
C GLY A 4 29.28 3.36 -8.10
N SER A 5 28.28 2.49 -8.20
CA SER A 5 27.22 2.43 -7.21
C SER A 5 26.45 3.75 -7.16
N SER A 6 26.15 4.29 -8.33
CA SER A 6 25.43 5.55 -8.43
C SER A 6 23.92 5.32 -8.28
N GLY A 7 23.21 6.36 -7.88
CA GLY A 7 21.77 6.26 -7.71
C GLY A 7 21.37 5.90 -6.30
N SER A 8 20.83 6.86 -5.57
CA SER A 8 20.42 6.64 -4.18
C SER A 8 18.94 6.30 -4.11
N PRO A 9 18.59 5.34 -3.24
CA PRO A 9 17.21 4.90 -3.05
C PRO A 9 16.35 5.96 -2.37
N GLU A 10 16.83 6.48 -1.24
CA GLU A 10 16.10 7.49 -0.49
C GLU A 10 14.66 7.06 -0.23
N GLY A 11 14.49 5.78 0.10
CA GLY A 11 13.15 5.26 0.38
C GLY A 11 12.57 5.81 1.65
N GLN A 12 11.38 6.39 1.55
CA GLN A 12 10.70 6.96 2.72
C GLN A 12 9.66 5.99 3.27
N LYS A 13 9.96 5.41 4.43
CA LYS A 13 9.04 4.46 5.06
C LYS A 13 7.80 5.17 5.57
N VAL A 14 6.68 4.97 4.87
CA VAL A 14 5.42 5.60 5.25
C VAL A 14 4.25 4.63 5.08
N ASP A 15 3.75 4.11 6.20
CA ASP A 15 2.64 3.18 6.19
C ASP A 15 2.94 1.99 5.28
N HIS A 16 4.13 1.42 5.44
CA HIS A 16 4.53 0.28 4.62
C HIS A 16 3.92 -1.02 5.15
N CYS A 17 3.29 -1.77 4.25
CA CYS A 17 2.66 -3.03 4.61
C CYS A 17 3.66 -3.98 5.27
N ALA A 18 3.36 -4.41 6.48
CA ALA A 18 4.23 -5.33 7.21
C ALA A 18 4.22 -6.71 6.58
N ARG A 19 3.40 -6.88 5.54
CA ARG A 19 3.29 -8.16 4.85
C ARG A 19 4.15 -8.16 3.58
N HIS A 20 4.08 -7.08 2.82
CA HIS A 20 4.85 -6.96 1.59
C HIS A 20 5.84 -5.80 1.68
N GLY A 21 5.44 -4.75 2.39
CA GLY A 21 6.30 -3.59 2.53
C GLY A 21 5.89 -2.44 1.64
N GLU A 22 4.99 -2.73 0.69
CA GLU A 22 4.52 -1.71 -0.25
C GLU A 22 3.83 -0.57 0.50
N LYS A 23 3.99 0.65 -0.02
CA LYS A 23 3.38 1.82 0.59
C LYS A 23 1.86 1.72 0.57
N LEU A 24 1.25 1.88 1.74
CA LEU A 24 -0.20 1.81 1.86
C LEU A 24 -0.84 3.15 1.54
N LEU A 25 -1.39 3.28 0.34
CA LEU A 25 -2.03 4.51 -0.09
C LEU A 25 -3.51 4.28 -0.38
N LEU A 26 -3.97 3.05 -0.18
CA LEU A 26 -5.36 2.70 -0.43
C LEU A 26 -6.07 2.35 0.88
N PHE A 27 -7.40 2.45 0.87
CA PHE A 27 -8.19 2.15 2.05
C PHE A 27 -9.38 1.24 1.70
N CYS A 28 -9.37 0.02 2.23
CA CYS A 28 -10.44 -0.93 1.97
C CYS A 28 -11.69 -0.59 2.78
N GLN A 29 -12.84 -0.64 2.12
CA GLN A 29 -14.10 -0.34 2.78
C GLN A 29 -14.69 -1.58 3.43
N GLU A 30 -14.60 -2.71 2.73
CA GLU A 30 -15.13 -3.97 3.24
C GLU A 30 -14.48 -4.33 4.58
N ASP A 31 -13.17 -4.10 4.69
CA ASP A 31 -12.44 -4.40 5.91
C ASP A 31 -12.19 -3.13 6.71
N GLY A 32 -12.18 -1.99 6.02
CA GLY A 32 -11.95 -0.72 6.68
C GLY A 32 -10.50 -0.53 7.08
N LYS A 33 -9.59 -1.16 6.34
CA LYS A 33 -8.17 -1.07 6.62
C LYS A 33 -7.38 -0.72 5.36
N VAL A 34 -6.21 -0.13 5.54
CA VAL A 34 -5.37 0.26 4.42
C VAL A 34 -4.66 -0.96 3.82
N ILE A 35 -4.64 -1.03 2.50
CA ILE A 35 -3.99 -2.14 1.80
C ILE A 35 -3.10 -1.64 0.68
N CYS A 36 -2.02 -2.36 0.42
CA CYS A 36 -1.08 -1.99 -0.64
C CYS A 36 -1.42 -2.72 -1.94
N TRP A 37 -0.64 -2.44 -2.99
CA TRP A 37 -0.86 -3.07 -4.28
C TRP A 37 -0.95 -4.59 -4.13
N LEU A 38 0.06 -5.19 -3.52
CA LEU A 38 0.09 -6.63 -3.32
C LEU A 38 -1.20 -7.12 -2.65
N CYS A 39 -1.64 -6.39 -1.63
CA CYS A 39 -2.85 -6.75 -0.91
C CYS A 39 -4.08 -6.65 -1.82
N GLU A 40 -4.26 -5.49 -2.44
CA GLU A 40 -5.37 -5.27 -3.34
C GLU A 40 -5.47 -6.39 -4.37
N ARG A 41 -4.34 -6.73 -4.96
CA ARG A 41 -4.28 -7.79 -5.98
C ARG A 41 -4.21 -9.16 -5.32
N SER A 42 -4.56 -9.23 -4.04
CA SER A 42 -4.52 -10.48 -3.31
C SER A 42 -5.94 -10.99 -3.04
N GLN A 43 -6.13 -12.30 -3.23
CA GLN A 43 -7.43 -12.92 -3.02
C GLN A 43 -8.04 -12.45 -1.70
N GLU A 44 -7.20 -11.96 -0.80
CA GLU A 44 -7.66 -11.49 0.50
C GLU A 44 -8.55 -10.26 0.35
N HIS A 45 -8.11 -9.32 -0.47
CA HIS A 45 -8.88 -8.09 -0.70
C HIS A 45 -9.28 -7.97 -2.17
N ARG A 46 -9.18 -9.09 -2.89
CA ARG A 46 -9.54 -9.11 -4.31
C ARG A 46 -11.02 -8.79 -4.50
N GLY A 47 -11.31 -7.73 -5.24
CA GLY A 47 -12.68 -7.35 -5.49
C GLY A 47 -13.15 -6.23 -4.56
N HIS A 48 -12.52 -6.14 -3.39
CA HIS A 48 -12.89 -5.13 -2.42
C HIS A 48 -12.62 -3.73 -2.96
N HIS A 49 -13.59 -2.84 -2.79
CA HIS A 49 -13.48 -1.48 -3.27
C HIS A 49 -12.53 -0.67 -2.39
N THR A 50 -11.43 -0.19 -2.97
CA THR A 50 -10.46 0.59 -2.23
C THR A 50 -10.40 2.03 -2.74
N PHE A 51 -9.99 2.94 -1.88
CA PHE A 51 -9.90 4.35 -2.23
C PHE A 51 -8.65 4.99 -1.63
N PRO A 52 -8.08 5.97 -2.34
CA PRO A 52 -6.88 6.69 -1.90
C PRO A 52 -7.15 7.57 -0.68
N THR A 53 -7.06 6.98 0.51
CA THR A 53 -7.29 7.72 1.75
C THR A 53 -6.24 8.82 1.94
N SER A 54 -5.00 8.51 1.57
CA SER A 54 -3.91 9.46 1.70
C SER A 54 -3.83 10.37 0.49
N GLY A 55 -3.84 9.78 -0.70
CA GLY A 55 -3.77 10.54 -1.93
C GLY A 55 -4.90 11.55 -2.06
N PRO A 56 -5.01 12.19 -3.23
CA PRO A 56 -6.04 13.19 -3.49
C PRO A 56 -7.43 12.57 -3.59
N SER A 57 -8.45 13.33 -3.23
CA SER A 57 -9.83 12.86 -3.28
C SER A 57 -10.48 13.23 -4.60
N SER A 58 -10.42 14.52 -4.95
CA SER A 58 -11.01 15.01 -6.18
C SER A 58 -10.15 14.66 -7.37
N GLY A 59 -10.78 14.48 -8.54
CA GLY A 59 -10.05 14.13 -9.74
C GLY A 59 -9.52 12.71 -9.71
ZN ZN B . 0.41 -5.81 1.67
ZN ZN C . -10.66 -5.85 1.97
N GLY A 1 10.03 -17.38 6.01
CA GLY A 1 10.71 -16.18 6.48
C GLY A 1 11.40 -16.40 7.82
N SER A 2 12.71 -16.58 7.77
CA SER A 2 13.50 -16.80 8.98
C SER A 2 13.75 -15.48 9.71
N SER A 3 14.39 -14.55 9.02
CA SER A 3 14.69 -13.24 9.60
C SER A 3 14.65 -12.15 8.53
N GLY A 4 14.19 -10.96 8.92
CA GLY A 4 14.11 -9.85 7.99
C GLY A 4 14.78 -8.60 8.52
N SER A 5 14.79 -7.55 7.71
CA SER A 5 15.42 -6.29 8.09
C SER A 5 14.48 -5.46 8.96
N SER A 6 15.05 -4.65 9.84
CA SER A 6 14.27 -3.81 10.74
C SER A 6 13.80 -2.54 10.01
N GLY A 7 14.70 -1.93 9.25
CA GLY A 7 14.37 -0.72 8.52
C GLY A 7 15.55 -0.17 7.75
N SER A 8 15.26 0.55 6.67
CA SER A 8 16.30 1.13 5.85
C SER A 8 16.37 2.65 6.05
N PRO A 9 17.58 3.14 6.38
CA PRO A 9 17.81 4.57 6.61
C PRO A 9 17.72 5.38 5.32
N GLU A 10 17.77 4.69 4.18
CA GLU A 10 17.71 5.35 2.88
C GLU A 10 16.40 5.02 2.18
N GLY A 11 15.43 4.51 2.94
CA GLY A 11 14.14 4.16 2.36
C GLY A 11 12.98 4.80 3.11
N GLN A 12 12.33 5.76 2.46
CA GLN A 12 11.20 6.46 3.07
C GLN A 12 10.16 5.46 3.56
N LYS A 13 10.03 5.36 4.89
CA LYS A 13 9.06 4.45 5.49
C LYS A 13 7.82 5.19 5.93
N VAL A 14 6.72 4.99 5.19
CA VAL A 14 5.46 5.64 5.51
C VAL A 14 4.28 4.69 5.26
N ASP A 15 3.75 4.13 6.33
CA ASP A 15 2.61 3.21 6.24
C ASP A 15 2.94 2.04 5.32
N HIS A 16 4.11 1.44 5.54
CA HIS A 16 4.54 0.31 4.73
C HIS A 16 3.87 -0.98 5.20
N CYS A 17 3.27 -1.71 4.27
CA CYS A 17 2.59 -2.95 4.58
C CYS A 17 3.54 -3.94 5.26
N ALA A 18 3.15 -4.41 6.44
CA ALA A 18 3.97 -5.35 7.19
C ALA A 18 3.93 -6.74 6.54
N ARG A 19 3.15 -6.87 5.48
CA ARG A 19 3.03 -8.14 4.78
C ARG A 19 3.93 -8.17 3.54
N HIS A 20 3.94 -7.09 2.79
CA HIS A 20 4.77 -7.00 1.59
C HIS A 20 5.79 -5.88 1.71
N GLY A 21 5.42 -4.80 2.40
CA GLY A 21 6.31 -3.68 2.58
C GLY A 21 5.94 -2.49 1.72
N GLU A 22 5.06 -2.71 0.75
CA GLU A 22 4.62 -1.66 -0.15
C GLU A 22 3.88 -0.56 0.62
N LYS A 23 4.05 0.68 0.18
CA LYS A 23 3.41 1.81 0.83
C LYS A 23 1.89 1.69 0.74
N LEU A 24 1.22 1.97 1.86
CA LEU A 24 -0.24 1.89 1.91
C LEU A 24 -0.87 3.23 1.55
N LEU A 25 -1.42 3.31 0.34
CA LEU A 25 -2.07 4.53 -0.13
C LEU A 25 -3.55 4.31 -0.39
N LEU A 26 -3.97 3.04 -0.29
CA LEU A 26 -5.37 2.69 -0.52
C LEU A 26 -6.07 2.37 0.79
N PHE A 27 -7.40 2.53 0.80
CA PHE A 27 -8.19 2.26 1.99
C PHE A 27 -9.35 1.32 1.68
N CYS A 28 -9.30 0.12 2.26
CA CYS A 28 -10.35 -0.87 2.04
C CYS A 28 -11.60 -0.53 2.84
N GLN A 29 -12.76 -0.64 2.19
CA GLN A 29 -14.03 -0.33 2.84
C GLN A 29 -14.62 -1.58 3.48
N GLU A 30 -14.50 -2.71 2.78
CA GLU A 30 -15.03 -3.98 3.28
C GLU A 30 -14.37 -4.35 4.63
N ASP A 31 -13.08 -4.12 4.73
CA ASP A 31 -12.34 -4.43 5.95
C ASP A 31 -12.08 -3.16 6.75
N GLY A 32 -12.12 -2.02 6.07
CA GLY A 32 -11.88 -0.74 6.74
C GLY A 32 -10.42 -0.56 7.13
N LYS A 33 -9.53 -1.22 6.39
CA LYS A 33 -8.09 -1.13 6.67
C LYS A 33 -7.32 -0.81 5.40
N VAL A 34 -6.27 -0.01 5.53
CA VAL A 34 -5.45 0.36 4.39
C VAL A 34 -4.69 -0.84 3.83
N ILE A 35 -4.75 -1.01 2.51
CA ILE A 35 -4.07 -2.12 1.85
C ILE A 35 -3.21 -1.64 0.71
N CYS A 36 -2.16 -2.39 0.39
CA CYS A 36 -1.25 -2.04 -0.68
C CYS A 36 -1.61 -2.78 -1.97
N TRP A 37 -0.91 -2.46 -3.05
CA TRP A 37 -1.15 -3.10 -4.34
C TRP A 37 -1.22 -4.62 -4.19
N LEU A 38 -0.17 -5.20 -3.63
CA LEU A 38 -0.11 -6.65 -3.43
C LEU A 38 -1.39 -7.15 -2.76
N CYS A 39 -1.78 -6.49 -1.67
CA CYS A 39 -2.97 -6.87 -0.93
C CYS A 39 -4.21 -6.75 -1.81
N GLU A 40 -4.46 -5.54 -2.30
CA GLU A 40 -5.62 -5.29 -3.16
C GLU A 40 -5.72 -6.34 -4.25
N ARG A 41 -4.59 -6.68 -4.86
CA ARG A 41 -4.54 -7.67 -5.92
C ARG A 41 -4.58 -9.09 -5.35
N SER A 42 -4.35 -9.20 -4.05
CA SER A 42 -4.35 -10.50 -3.37
C SER A 42 -5.78 -10.99 -3.17
N GLN A 43 -6.00 -12.27 -3.48
CA GLN A 43 -7.32 -12.87 -3.33
C GLN A 43 -7.92 -12.51 -1.97
N GLU A 44 -7.08 -12.13 -1.03
CA GLU A 44 -7.53 -11.75 0.29
C GLU A 44 -8.33 -10.46 0.26
N HIS A 45 -7.81 -9.47 -0.46
CA HIS A 45 -8.47 -8.17 -0.57
C HIS A 45 -8.89 -7.90 -2.01
N ARG A 46 -8.94 -8.96 -2.82
CA ARG A 46 -9.32 -8.84 -4.22
C ARG A 46 -10.81 -8.56 -4.36
N GLY A 47 -11.17 -7.70 -5.31
CA GLY A 47 -12.55 -7.36 -5.52
C GLY A 47 -13.04 -6.30 -4.56
N HIS A 48 -12.38 -6.19 -3.41
CA HIS A 48 -12.75 -5.20 -2.40
C HIS A 48 -12.59 -3.78 -2.95
N HIS A 49 -13.53 -2.90 -2.59
CA HIS A 49 -13.48 -1.51 -3.03
C HIS A 49 -12.52 -0.70 -2.17
N THR A 50 -11.46 -0.19 -2.79
CA THR A 50 -10.47 0.61 -2.08
C THR A 50 -10.38 2.02 -2.66
N PHE A 51 -10.02 2.99 -1.82
CA PHE A 51 -9.89 4.37 -2.25
C PHE A 51 -8.60 4.98 -1.74
N PRO A 52 -8.02 5.91 -2.52
CA PRO A 52 -6.78 6.59 -2.17
C PRO A 52 -6.96 7.55 -0.99
N THR A 53 -6.97 7.01 0.21
CA THR A 53 -7.13 7.82 1.42
C THR A 53 -6.00 8.81 1.57
N SER A 54 -4.78 8.37 1.26
CA SER A 54 -3.60 9.23 1.36
C SER A 54 -2.78 9.18 0.08
N GLY A 55 -1.73 9.98 0.03
CA GLY A 55 -0.87 10.02 -1.14
C GLY A 55 -1.22 11.18 -2.07
N PRO A 56 -0.49 12.30 -1.92
CA PRO A 56 -0.70 13.49 -2.74
C PRO A 56 -0.27 13.29 -4.19
N SER A 57 0.87 12.62 -4.37
CA SER A 57 1.39 12.37 -5.71
C SER A 57 1.02 10.97 -6.18
N SER A 58 1.01 10.77 -7.49
CA SER A 58 0.65 9.48 -8.08
C SER A 58 1.59 9.13 -9.22
N GLY A 59 1.40 7.94 -9.79
CA GLY A 59 2.24 7.51 -10.90
C GLY A 59 1.43 7.00 -12.08
ZN ZN B . 0.33 -5.83 1.50
ZN ZN C . -10.38 -5.84 1.88
N GLY A 1 30.44 13.75 2.13
CA GLY A 1 29.81 12.53 2.62
C GLY A 1 29.87 11.39 1.63
N SER A 2 30.62 10.36 1.97
CA SER A 2 30.76 9.19 1.10
C SER A 2 29.66 8.17 1.36
N SER A 3 29.45 7.86 2.64
CA SER A 3 28.42 6.90 3.02
C SER A 3 27.80 7.27 4.36
N GLY A 4 26.50 7.03 4.49
CA GLY A 4 25.81 7.35 5.72
C GLY A 4 25.21 6.13 6.39
N SER A 5 24.70 6.31 7.60
CA SER A 5 24.09 5.21 8.35
C SER A 5 22.86 4.66 7.62
N SER A 6 21.90 5.54 7.37
CA SER A 6 20.66 5.15 6.68
C SER A 6 20.53 5.88 5.34
N GLY A 7 19.74 5.30 4.44
CA GLY A 7 19.54 5.91 3.14
C GLY A 7 18.11 5.82 2.67
N SER A 8 17.91 5.16 1.53
CA SER A 8 16.57 5.00 0.97
C SER A 8 15.99 6.35 0.56
N PRO A 9 16.80 7.15 -0.14
CA PRO A 9 16.38 8.48 -0.60
C PRO A 9 15.33 8.42 -1.71
N GLU A 10 15.10 7.20 -2.21
CA GLU A 10 14.12 7.00 -3.27
C GLU A 10 12.74 6.67 -2.69
N GLY A 11 12.56 6.96 -1.40
CA GLY A 11 11.30 6.69 -0.75
C GLY A 11 11.41 6.69 0.76
N GLN A 12 10.44 7.30 1.42
CA GLN A 12 10.43 7.38 2.88
C GLN A 12 9.41 6.40 3.48
N LYS A 13 9.86 5.59 4.42
CA LYS A 13 9.00 4.62 5.07
C LYS A 13 7.75 5.30 5.66
N VAL A 14 6.63 5.13 4.98
CA VAL A 14 5.37 5.72 5.44
C VAL A 14 4.22 4.75 5.28
N ASP A 15 3.80 4.15 6.40
CA ASP A 15 2.69 3.20 6.39
C ASP A 15 2.99 2.04 5.43
N HIS A 16 4.20 1.48 5.55
CA HIS A 16 4.59 0.37 4.70
C HIS A 16 3.93 -0.93 5.15
N CYS A 17 3.33 -1.64 4.20
CA CYS A 17 2.65 -2.90 4.50
C CYS A 17 3.60 -3.88 5.18
N ALA A 18 3.19 -4.39 6.34
CA ALA A 18 3.99 -5.34 7.09
C ALA A 18 3.96 -6.72 6.43
N ARG A 19 3.19 -6.84 5.36
CA ARG A 19 3.07 -8.11 4.64
C ARG A 19 3.97 -8.13 3.42
N HIS A 20 3.98 -7.03 2.67
CA HIS A 20 4.80 -6.91 1.47
C HIS A 20 5.82 -5.79 1.61
N GLY A 21 5.43 -4.73 2.32
CA GLY A 21 6.33 -3.61 2.50
C GLY A 21 5.92 -2.39 1.70
N GLU A 22 5.07 -2.61 0.69
CA GLU A 22 4.61 -1.53 -0.15
C GLU A 22 3.84 -0.48 0.66
N LYS A 23 4.04 0.79 0.31
CA LYS A 23 3.38 1.89 1.01
C LYS A 23 1.87 1.76 0.89
N LEU A 24 1.16 2.01 2.00
CA LEU A 24 -0.29 1.92 2.01
C LEU A 24 -0.92 3.27 1.66
N LEU A 25 -1.45 3.37 0.45
CA LEU A 25 -2.08 4.60 -0.01
C LEU A 25 -3.56 4.38 -0.28
N LEU A 26 -4.01 3.13 -0.15
CA LEU A 26 -5.41 2.79 -0.37
C LEU A 26 -6.11 2.48 0.94
N PHE A 27 -7.44 2.52 0.92
CA PHE A 27 -8.22 2.23 2.12
C PHE A 27 -9.40 1.31 1.80
N CYS A 28 -9.29 0.06 2.23
CA CYS A 28 -10.33 -0.93 1.98
C CYS A 28 -11.59 -0.61 2.79
N GLN A 29 -12.74 -0.69 2.13
CA GLN A 29 -14.01 -0.41 2.78
C GLN A 29 -14.63 -1.67 3.37
N GLU A 30 -14.47 -2.78 2.65
CA GLU A 30 -15.01 -4.06 3.10
C GLU A 30 -14.39 -4.47 4.43
N ASP A 31 -13.11 -4.16 4.61
CA ASP A 31 -12.40 -4.49 5.84
C ASP A 31 -12.13 -3.24 6.67
N GLY A 32 -12.12 -2.09 6.00
CA GLY A 32 -11.87 -0.84 6.70
C GLY A 32 -10.43 -0.70 7.15
N LYS A 33 -9.51 -1.23 6.35
CA LYS A 33 -8.08 -1.17 6.67
C LYS A 33 -7.26 -0.82 5.43
N VAL A 34 -6.23 -0.01 5.63
CA VAL A 34 -5.36 0.40 4.53
C VAL A 34 -4.56 -0.78 3.99
N ILE A 35 -4.60 -0.97 2.67
CA ILE A 35 -3.88 -2.07 2.03
C ILE A 35 -3.06 -1.57 0.84
N CYS A 36 -2.06 -2.34 0.46
CA CYS A 36 -1.21 -1.99 -0.67
C CYS A 36 -1.66 -2.71 -1.93
N TRP A 37 -0.96 -2.45 -3.03
CA TRP A 37 -1.28 -3.07 -4.32
C TRP A 37 -1.30 -4.60 -4.19
N LEU A 38 -0.22 -5.16 -3.67
CA LEU A 38 -0.11 -6.61 -3.49
C LEU A 38 -1.32 -7.15 -2.74
N CYS A 39 -1.74 -6.42 -1.71
CA CYS A 39 -2.88 -6.83 -0.90
C CYS A 39 -4.17 -6.77 -1.71
N GLU A 40 -4.50 -5.58 -2.20
CA GLU A 40 -5.71 -5.38 -2.99
C GLU A 40 -5.82 -6.45 -4.08
N ARG A 41 -4.70 -6.73 -4.73
CA ARG A 41 -4.67 -7.73 -5.80
C ARG A 41 -4.72 -9.15 -5.22
N SER A 42 -4.42 -9.27 -3.94
CA SER A 42 -4.43 -10.56 -3.27
C SER A 42 -5.85 -11.08 -3.10
N GLN A 43 -6.04 -12.37 -3.33
CA GLN A 43 -7.34 -13.00 -3.21
C GLN A 43 -8.01 -12.62 -1.89
N GLU A 44 -7.20 -12.18 -0.93
CA GLU A 44 -7.70 -11.80 0.38
C GLU A 44 -8.50 -10.50 0.30
N HIS A 45 -8.00 -9.55 -0.48
CA HIS A 45 -8.68 -8.27 -0.66
C HIS A 45 -9.10 -8.06 -2.11
N ARG A 46 -9.14 -9.15 -2.87
CA ARG A 46 -9.52 -9.08 -4.27
C ARG A 46 -10.98 -8.66 -4.42
N GLY A 47 -11.25 -7.84 -5.43
CA GLY A 47 -12.61 -7.38 -5.66
C GLY A 47 -13.12 -6.52 -4.53
N HIS A 48 -12.21 -5.97 -3.73
CA HIS A 48 -12.59 -5.12 -2.61
C HIS A 48 -12.47 -3.65 -2.99
N HIS A 49 -13.49 -2.87 -2.62
CA HIS A 49 -13.50 -1.44 -2.92
C HIS A 49 -12.42 -0.71 -2.14
N THR A 50 -11.52 -0.06 -2.87
CA THR A 50 -10.43 0.68 -2.24
C THR A 50 -10.37 2.11 -2.75
N PHE A 51 -9.97 3.03 -1.88
CA PHE A 51 -9.87 4.45 -2.24
C PHE A 51 -8.53 5.03 -1.79
N PRO A 52 -7.99 5.95 -2.60
CA PRO A 52 -6.71 6.61 -2.30
C PRO A 52 -6.82 7.56 -1.12
N THR A 53 -6.77 7.00 0.09
CA THR A 53 -6.86 7.80 1.30
C THR A 53 -5.69 8.79 1.40
N SER A 54 -4.52 8.35 0.95
CA SER A 54 -3.33 9.18 1.00
C SER A 54 -3.15 9.94 -0.32
N GLY A 55 -3.41 9.26 -1.43
CA GLY A 55 -3.28 9.89 -2.73
C GLY A 55 -4.23 11.05 -2.91
N PRO A 56 -3.72 12.15 -3.51
CA PRO A 56 -4.51 13.35 -3.74
C PRO A 56 -5.57 13.14 -4.82
N SER A 57 -6.31 14.21 -5.14
CA SER A 57 -7.35 14.14 -6.14
C SER A 57 -6.94 14.87 -7.42
N SER A 58 -7.38 14.35 -8.56
CA SER A 58 -7.04 14.95 -9.84
C SER A 58 -8.19 15.82 -10.35
N GLY A 59 -7.98 16.47 -11.49
CA GLY A 59 -9.01 17.32 -12.07
C GLY A 59 -10.10 16.53 -12.75
ZN ZN B . 0.40 -5.81 1.43
ZN ZN C . -10.54 -5.89 1.80
N GLY A 1 8.89 -16.88 -9.40
CA GLY A 1 10.26 -16.67 -9.81
C GLY A 1 11.22 -16.62 -8.63
N SER A 2 12.48 -16.32 -8.91
CA SER A 2 13.50 -16.23 -7.87
C SER A 2 14.14 -14.85 -7.84
N SER A 3 14.37 -14.34 -6.65
CA SER A 3 14.98 -13.02 -6.48
C SER A 3 15.93 -13.01 -5.28
N GLY A 4 17.09 -12.37 -5.46
CA GLY A 4 18.06 -12.30 -4.39
C GLY A 4 18.47 -10.87 -4.08
N SER A 5 17.50 -10.06 -3.66
CA SER A 5 17.77 -8.67 -3.33
C SER A 5 17.73 -8.45 -1.82
N SER A 6 18.54 -7.50 -1.35
CA SER A 6 18.60 -7.19 0.08
C SER A 6 17.35 -6.44 0.53
N GLY A 7 16.97 -5.42 -0.23
CA GLY A 7 15.80 -4.64 0.12
C GLY A 7 15.31 -3.80 -1.05
N SER A 8 14.10 -3.25 -0.91
CA SER A 8 13.52 -2.43 -1.96
C SER A 8 14.36 -1.20 -2.22
N PRO A 9 14.29 -0.67 -3.46
CA PRO A 9 15.05 0.51 -3.86
C PRO A 9 14.54 1.78 -3.19
N GLU A 10 13.39 1.67 -2.52
CA GLU A 10 12.80 2.81 -1.83
C GLU A 10 13.64 3.23 -0.63
N GLY A 11 13.25 4.32 0.02
CA GLY A 11 13.98 4.80 1.18
C GLY A 11 13.07 5.37 2.25
N GLN A 12 12.04 6.09 1.82
CA GLN A 12 11.09 6.69 2.76
C GLN A 12 10.06 5.65 3.22
N LYS A 13 10.07 5.34 4.51
CA LYS A 13 9.15 4.37 5.07
C LYS A 13 7.89 5.07 5.59
N VAL A 14 6.80 4.97 4.84
CA VAL A 14 5.54 5.58 5.23
C VAL A 14 4.38 4.60 5.08
N ASP A 15 3.90 4.09 6.20
CA ASP A 15 2.80 3.13 6.19
C ASP A 15 3.10 1.94 5.28
N HIS A 16 4.29 1.38 5.44
CA HIS A 16 4.72 0.24 4.64
C HIS A 16 4.07 -1.04 5.15
N CYS A 17 3.43 -1.78 4.25
CA CYS A 17 2.77 -3.03 4.60
C CYS A 17 3.76 -4.01 5.21
N ALA A 18 3.42 -4.53 6.39
CA ALA A 18 4.28 -5.48 7.09
C ALA A 18 4.17 -6.87 6.47
N ARG A 19 3.33 -7.00 5.44
CA ARG A 19 3.14 -8.27 4.77
C ARG A 19 3.91 -8.32 3.46
N HIS A 20 3.90 -7.21 2.72
CA HIS A 20 4.61 -7.11 1.45
C HIS A 20 5.69 -6.04 1.50
N GLY A 21 5.41 -4.97 2.23
CA GLY A 21 6.37 -3.89 2.35
C GLY A 21 5.98 -2.66 1.53
N GLU A 22 5.02 -2.84 0.63
CA GLU A 22 4.55 -1.76 -0.22
C GLU A 22 3.85 -0.68 0.61
N LYS A 23 4.01 0.57 0.21
CA LYS A 23 3.39 1.69 0.91
C LYS A 23 1.88 1.60 0.83
N LEU A 24 1.21 1.87 1.96
CA LEU A 24 -0.24 1.83 2.01
C LEU A 24 -0.85 3.20 1.69
N LEU A 25 -1.36 3.33 0.47
CA LEU A 25 -1.97 4.59 0.04
C LEU A 25 -3.45 4.40 -0.27
N LEU A 26 -3.93 3.17 -0.14
CA LEU A 26 -5.33 2.85 -0.40
C LEU A 26 -6.07 2.56 0.90
N PHE A 27 -7.39 2.54 0.82
CA PHE A 27 -8.23 2.26 1.99
C PHE A 27 -9.39 1.35 1.63
N CYS A 28 -9.34 0.12 2.11
CA CYS A 28 -10.40 -0.86 1.84
C CYS A 28 -11.68 -0.48 2.57
N GLN A 29 -12.82 -0.61 1.88
CA GLN A 29 -14.11 -0.29 2.47
C GLN A 29 -14.74 -1.52 3.10
N GLU A 30 -14.46 -2.69 2.54
CA GLU A 30 -15.00 -3.94 3.05
C GLU A 30 -14.37 -4.30 4.39
N ASP A 31 -13.08 -4.04 4.52
CA ASP A 31 -12.37 -4.33 5.77
C ASP A 31 -12.11 -3.05 6.56
N GLY A 32 -12.19 -1.91 5.87
CA GLY A 32 -11.96 -0.64 6.53
C GLY A 32 -10.54 -0.48 7.02
N LYS A 33 -9.59 -1.07 6.29
CA LYS A 33 -8.18 -1.00 6.65
C LYS A 33 -7.32 -0.70 5.42
N VAL A 34 -6.32 0.15 5.61
CA VAL A 34 -5.42 0.52 4.52
C VAL A 34 -4.68 -0.71 3.97
N ILE A 35 -4.68 -0.85 2.65
CA ILE A 35 -4.02 -1.98 2.01
C ILE A 35 -3.14 -1.50 0.85
N CYS A 36 -2.12 -2.29 0.54
CA CYS A 36 -1.20 -1.96 -0.54
C CYS A 36 -1.61 -2.66 -1.84
N TRP A 37 -0.85 -2.42 -2.90
CA TRP A 37 -1.14 -3.03 -4.19
C TRP A 37 -1.23 -4.54 -4.08
N LEU A 38 -0.20 -5.16 -3.52
CA LEU A 38 -0.16 -6.60 -3.35
C LEU A 38 -1.41 -7.09 -2.61
N CYS A 39 -1.85 -6.31 -1.63
CA CYS A 39 -3.02 -6.65 -0.85
C CYS A 39 -4.30 -6.55 -1.68
N GLU A 40 -4.56 -5.34 -2.20
CA GLU A 40 -5.73 -5.10 -3.03
C GLU A 40 -5.84 -6.14 -4.14
N ARG A 41 -4.69 -6.50 -4.71
CA ARG A 41 -4.65 -7.48 -5.78
C ARG A 41 -4.60 -8.90 -5.23
N SER A 42 -4.25 -9.02 -3.95
CA SER A 42 -4.16 -10.32 -3.31
C SER A 42 -5.54 -10.97 -3.18
N GLN A 43 -5.57 -12.29 -3.21
CA GLN A 43 -6.83 -13.02 -3.10
C GLN A 43 -7.53 -12.71 -1.78
N GLU A 44 -6.82 -12.00 -0.90
CA GLU A 44 -7.37 -11.63 0.40
C GLU A 44 -8.30 -10.44 0.28
N HIS A 45 -7.89 -9.45 -0.50
CA HIS A 45 -8.70 -8.25 -0.71
C HIS A 45 -9.21 -8.18 -2.13
N ARG A 46 -9.20 -9.32 -2.83
CA ARG A 46 -9.67 -9.39 -4.20
C ARG A 46 -11.14 -9.00 -4.29
N GLY A 47 -11.48 -8.16 -5.27
CA GLY A 47 -12.84 -7.72 -5.44
C GLY A 47 -13.29 -6.76 -4.36
N HIS A 48 -12.33 -6.17 -3.66
CA HIS A 48 -12.63 -5.22 -2.60
C HIS A 48 -12.45 -3.79 -3.08
N HIS A 49 -13.39 -2.93 -2.71
CA HIS A 49 -13.35 -1.52 -3.10
C HIS A 49 -12.34 -0.75 -2.27
N THR A 50 -11.37 -0.13 -2.93
CA THR A 50 -10.35 0.65 -2.24
C THR A 50 -10.40 2.11 -2.65
N PHE A 51 -10.19 3.00 -1.67
CA PHE A 51 -10.21 4.43 -1.93
C PHE A 51 -8.88 5.08 -1.55
N PRO A 52 -8.46 6.08 -2.35
CA PRO A 52 -7.20 6.79 -2.11
C PRO A 52 -7.25 7.67 -0.88
N THR A 53 -7.09 7.05 0.29
CA THR A 53 -7.12 7.79 1.55
C THR A 53 -5.94 8.75 1.66
N SER A 54 -4.78 8.32 1.16
CA SER A 54 -3.58 9.14 1.20
C SER A 54 -2.70 8.88 -0.03
N GLY A 55 -2.65 9.86 -0.93
CA GLY A 55 -1.85 9.72 -2.13
C GLY A 55 -1.76 11.01 -2.92
N PRO A 56 -0.69 11.78 -2.67
CA PRO A 56 -0.46 13.06 -3.34
C PRO A 56 -0.11 12.88 -4.82
N SER A 57 -1.11 13.01 -5.69
CA SER A 57 -0.90 12.86 -7.11
C SER A 57 -1.18 14.16 -7.85
N SER A 58 -0.16 14.70 -8.51
CA SER A 58 -0.30 15.95 -9.25
C SER A 58 -0.94 15.70 -10.61
N GLY A 59 -1.45 14.49 -10.81
CA GLY A 59 -2.09 14.16 -12.07
C GLY A 59 -3.47 14.78 -12.20
ZN ZN B . 0.21 -5.82 1.67
ZN ZN C . -10.50 -5.82 1.77
N GLY A 1 -2.35 11.51 -10.78
CA GLY A 1 -1.70 10.36 -10.17
C GLY A 1 -0.44 9.95 -10.91
N SER A 2 0.72 10.29 -10.36
CA SER A 2 1.99 9.95 -10.98
C SER A 2 2.85 9.12 -10.03
N SER A 3 3.73 8.30 -10.61
CA SER A 3 4.61 7.45 -9.81
C SER A 3 5.37 8.27 -8.77
N GLY A 4 4.94 8.15 -7.52
CA GLY A 4 5.59 8.87 -6.44
C GLY A 4 7.09 8.71 -6.44
N SER A 5 7.81 9.82 -6.27
CA SER A 5 9.26 9.79 -6.26
C SER A 5 9.80 10.05 -4.85
N SER A 6 10.45 9.05 -4.28
CA SER A 6 11.01 9.17 -2.93
C SER A 6 11.87 10.43 -2.83
N GLY A 7 12.80 10.59 -3.76
CA GLY A 7 13.67 11.75 -3.74
C GLY A 7 14.92 11.53 -2.92
N SER A 8 14.76 10.85 -1.79
CA SER A 8 15.89 10.58 -0.90
C SER A 8 16.53 9.24 -1.24
N PRO A 9 17.81 9.08 -0.86
CA PRO A 9 18.56 7.85 -1.11
C PRO A 9 18.06 6.67 -0.26
N GLU A 10 17.22 6.98 0.71
CA GLU A 10 16.68 5.96 1.60
C GLU A 10 15.15 5.96 1.55
N GLY A 11 14.56 4.80 1.85
CA GLY A 11 13.11 4.69 1.82
C GLY A 11 12.47 5.27 3.08
N GLN A 12 11.38 6.01 2.89
CA GLN A 12 10.67 6.62 4.01
C GLN A 12 9.55 5.71 4.50
N LYS A 13 9.71 5.19 5.72
CA LYS A 13 8.70 4.31 6.32
C LYS A 13 7.40 5.05 6.54
N VAL A 14 6.40 4.77 5.70
CA VAL A 14 5.09 5.41 5.81
C VAL A 14 3.98 4.43 5.43
N ASP A 15 3.31 3.90 6.45
CA ASP A 15 2.22 2.96 6.23
C ASP A 15 2.65 1.82 5.31
N HIS A 16 3.82 1.26 5.59
CA HIS A 16 4.35 0.16 4.79
C HIS A 16 3.78 -1.17 5.25
N CYS A 17 3.17 -1.90 4.30
CA CYS A 17 2.58 -3.20 4.60
C CYS A 17 3.59 -4.12 5.30
N ALA A 18 3.18 -4.69 6.42
CA ALA A 18 4.04 -5.59 7.18
C ALA A 18 4.05 -6.99 6.56
N ARG A 19 3.34 -7.14 5.45
CA ARG A 19 3.26 -8.43 4.78
C ARG A 19 4.04 -8.40 3.47
N HIS A 20 3.99 -7.27 2.77
CA HIS A 20 4.68 -7.11 1.50
C HIS A 20 5.73 -6.00 1.59
N GLY A 21 5.43 -4.97 2.38
CA GLY A 21 6.35 -3.86 2.54
C GLY A 21 5.96 -2.67 1.68
N GLU A 22 5.02 -2.87 0.77
CA GLU A 22 4.57 -1.81 -0.12
C GLU A 22 3.82 -0.73 0.67
N LYS A 23 3.90 0.51 0.19
CA LYS A 23 3.23 1.62 0.85
C LYS A 23 1.72 1.50 0.72
N LEU A 24 1.01 1.77 1.81
CA LEU A 24 -0.44 1.70 1.82
C LEU A 24 -1.07 3.07 1.56
N LEU A 25 -1.59 3.24 0.34
CA LEU A 25 -2.22 4.50 -0.04
C LEU A 25 -3.70 4.30 -0.36
N LEU A 26 -4.16 3.05 -0.27
CA LEU A 26 -5.55 2.73 -0.54
C LEU A 26 -6.28 2.33 0.73
N PHE A 27 -7.53 2.76 0.86
CA PHE A 27 -8.33 2.44 2.03
C PHE A 27 -9.40 1.40 1.70
N CYS A 28 -9.29 0.23 2.31
CA CYS A 28 -10.24 -0.85 2.08
C CYS A 28 -11.52 -0.63 2.88
N GLN A 29 -12.66 -0.64 2.18
CA GLN A 29 -13.95 -0.45 2.82
C GLN A 29 -14.50 -1.77 3.34
N GLU A 30 -14.18 -2.86 2.66
CA GLU A 30 -14.65 -4.18 3.06
C GLU A 30 -14.06 -4.58 4.41
N ASP A 31 -12.87 -4.09 4.69
CA ASP A 31 -12.19 -4.39 5.96
C ASP A 31 -12.00 -3.13 6.79
N GLY A 32 -11.95 -1.98 6.12
CA GLY A 32 -11.78 -0.73 6.81
C GLY A 32 -10.33 -0.48 7.19
N LYS A 33 -9.41 -1.05 6.42
CA LYS A 33 -7.99 -0.89 6.68
C LYS A 33 -7.25 -0.52 5.40
N VAL A 34 -6.13 0.20 5.55
CA VAL A 34 -5.32 0.60 4.40
C VAL A 34 -4.51 -0.57 3.87
N ILE A 35 -4.81 -0.98 2.63
CA ILE A 35 -4.10 -2.08 2.00
C ILE A 35 -3.14 -1.58 0.94
N CYS A 36 -2.24 -2.45 0.50
CA CYS A 36 -1.26 -2.10 -0.52
C CYS A 36 -1.59 -2.77 -1.85
N TRP A 37 -0.78 -2.50 -2.86
CA TRP A 37 -0.99 -3.09 -4.18
C TRP A 37 -1.16 -4.60 -4.09
N LEU A 38 -0.13 -5.29 -3.62
CA LEU A 38 -0.17 -6.73 -3.48
C LEU A 38 -1.46 -7.18 -2.79
N CYS A 39 -1.82 -6.47 -1.73
CA CYS A 39 -3.03 -6.79 -0.98
C CYS A 39 -4.27 -6.66 -1.87
N GLU A 40 -4.48 -5.46 -2.40
CA GLU A 40 -5.63 -5.20 -3.27
C GLU A 40 -5.72 -6.25 -4.38
N ARG A 41 -4.58 -6.58 -4.96
CA ARG A 41 -4.52 -7.56 -6.03
C ARG A 41 -4.49 -8.98 -5.47
N SER A 42 -4.33 -9.09 -4.15
CA SER A 42 -4.27 -10.39 -3.50
C SER A 42 -5.67 -10.93 -3.25
N GLN A 43 -5.81 -12.26 -3.30
CA GLN A 43 -7.09 -12.90 -3.10
C GLN A 43 -7.69 -12.51 -1.75
N GLU A 44 -6.84 -11.99 -0.86
CA GLU A 44 -7.29 -11.57 0.47
C GLU A 44 -8.15 -10.32 0.37
N HIS A 45 -7.70 -9.35 -0.42
CA HIS A 45 -8.43 -8.10 -0.59
C HIS A 45 -8.88 -7.93 -2.04
N ARG A 46 -8.89 -9.03 -2.78
CA ARG A 46 -9.31 -9.00 -4.18
C ARG A 46 -10.76 -8.56 -4.31
N GLY A 47 -11.04 -7.74 -5.32
CA GLY A 47 -12.39 -7.26 -5.54
C GLY A 47 -12.93 -6.48 -4.35
N HIS A 48 -12.02 -5.87 -3.58
CA HIS A 48 -12.41 -5.09 -2.41
C HIS A 48 -12.42 -3.61 -2.74
N HIS A 49 -13.47 -2.91 -2.27
CA HIS A 49 -13.60 -1.49 -2.51
C HIS A 49 -12.45 -0.71 -1.87
N THR A 50 -11.71 0.02 -2.70
CA THR A 50 -10.59 0.81 -2.21
C THR A 50 -10.60 2.22 -2.79
N PHE A 51 -10.16 3.19 -1.99
CA PHE A 51 -10.14 4.58 -2.41
C PHE A 51 -8.83 5.26 -1.99
N PRO A 52 -8.38 6.22 -2.79
CA PRO A 52 -7.14 6.96 -2.52
C PRO A 52 -7.28 7.89 -1.31
N THR A 53 -7.14 7.32 -0.12
CA THR A 53 -7.25 8.09 1.11
C THR A 53 -6.01 8.95 1.33
N SER A 54 -4.86 8.44 0.90
CA SER A 54 -3.61 9.18 1.05
C SER A 54 -3.30 10.00 -0.20
N GLY A 55 -3.48 9.38 -1.37
CA GLY A 55 -3.22 10.07 -2.62
C GLY A 55 -3.65 11.53 -2.57
N PRO A 56 -2.67 12.43 -2.57
CA PRO A 56 -2.93 13.87 -2.54
C PRO A 56 -3.53 14.39 -3.84
N SER A 57 -4.09 15.60 -3.80
CA SER A 57 -4.71 16.20 -4.97
C SER A 57 -3.67 16.94 -5.81
N SER A 58 -2.82 17.72 -5.15
CA SER A 58 -1.79 18.48 -5.83
C SER A 58 -1.17 17.67 -6.96
N GLY A 59 -0.79 16.43 -6.65
CA GLY A 59 -0.19 15.57 -7.66
C GLY A 59 -1.14 14.50 -8.14
ZN ZN B . 0.23 -6.02 1.53
ZN ZN C . -10.19 -5.78 1.99
N GLY A 1 26.81 -0.46 -6.55
CA GLY A 1 27.17 0.20 -5.30
C GLY A 1 27.97 -0.71 -4.38
N SER A 2 27.42 -0.99 -3.21
CA SER A 2 28.08 -1.84 -2.23
C SER A 2 27.11 -2.80 -1.57
N SER A 3 27.62 -3.93 -1.10
CA SER A 3 26.77 -4.93 -0.45
C SER A 3 26.52 -4.57 1.01
N GLY A 4 25.25 -4.33 1.34
CA GLY A 4 24.89 -3.97 2.70
C GLY A 4 23.42 -3.61 2.84
N SER A 5 23.06 -2.45 2.31
CA SER A 5 21.69 -1.98 2.38
C SER A 5 21.29 -1.24 1.10
N SER A 6 20.11 -1.55 0.58
CA SER A 6 19.63 -0.92 -0.65
C SER A 6 18.25 -0.30 -0.43
N GLY A 7 18.13 0.98 -0.76
CA GLY A 7 16.87 1.67 -0.58
C GLY A 7 16.59 2.66 -1.70
N SER A 8 17.05 2.32 -2.91
CA SER A 8 16.84 3.18 -4.07
C SER A 8 15.37 3.29 -4.42
N PRO A 9 14.69 2.13 -4.51
CA PRO A 9 13.26 2.07 -4.84
C PRO A 9 12.38 2.61 -3.71
N GLU A 10 12.93 2.61 -2.50
CA GLU A 10 12.20 3.10 -1.33
C GLU A 10 12.70 4.46 -0.89
N GLY A 11 11.87 5.20 -0.17
CA GLY A 11 12.25 6.52 0.28
C GLY A 11 12.14 6.66 1.79
N GLN A 12 10.93 6.94 2.27
CA GLN A 12 10.70 7.11 3.71
C GLN A 12 9.57 6.18 4.18
N LYS A 13 9.88 5.35 5.18
CA LYS A 13 8.90 4.42 5.72
C LYS A 13 7.63 5.15 6.12
N VAL A 14 6.57 4.98 5.33
CA VAL A 14 5.29 5.62 5.60
C VAL A 14 4.13 4.67 5.33
N ASP A 15 3.54 4.14 6.40
CA ASP A 15 2.43 3.21 6.28
C ASP A 15 2.78 2.05 5.34
N HIS A 16 3.94 1.46 5.56
CA HIS A 16 4.39 0.35 4.73
C HIS A 16 3.77 -0.97 5.21
N CYS A 17 3.24 -1.74 4.27
CA CYS A 17 2.61 -3.01 4.59
C CYS A 17 3.61 -3.95 5.27
N ALA A 18 3.21 -4.50 6.41
CA ALA A 18 4.06 -5.42 7.17
C ALA A 18 4.05 -6.81 6.54
N ARG A 19 3.31 -6.96 5.45
CA ARG A 19 3.21 -8.24 4.76
C ARG A 19 4.08 -8.25 3.50
N HIS A 20 4.04 -7.14 2.77
CA HIS A 20 4.82 -7.01 1.54
C HIS A 20 5.84 -5.88 1.66
N GLY A 21 5.47 -4.82 2.37
CA GLY A 21 6.36 -3.69 2.54
C GLY A 21 5.97 -2.50 1.67
N GLU A 22 5.07 -2.74 0.72
CA GLU A 22 4.62 -1.68 -0.18
C GLU A 22 3.86 -0.61 0.59
N LYS A 23 4.05 0.65 0.18
CA LYS A 23 3.38 1.76 0.84
C LYS A 23 1.87 1.63 0.73
N LEU A 24 1.18 1.88 1.84
CA LEU A 24 -0.27 1.78 1.88
C LEU A 24 -0.92 3.11 1.48
N LEU A 25 -1.41 3.18 0.25
CA LEU A 25 -2.06 4.39 -0.24
C LEU A 25 -3.51 4.13 -0.60
N LEU A 26 -4.02 2.98 -0.16
CA LEU A 26 -5.41 2.61 -0.43
C LEU A 26 -6.13 2.24 0.86
N PHE A 27 -7.41 2.59 0.94
CA PHE A 27 -8.21 2.29 2.12
C PHE A 27 -9.39 1.38 1.77
N CYS A 28 -9.31 0.13 2.18
CA CYS A 28 -10.37 -0.83 1.91
C CYS A 28 -11.61 -0.52 2.73
N GLN A 29 -12.78 -0.60 2.09
CA GLN A 29 -14.04 -0.34 2.77
C GLN A 29 -14.60 -1.60 3.42
N GLU A 30 -14.54 -2.71 2.68
CA GLU A 30 -15.04 -3.99 3.18
C GLU A 30 -14.39 -4.34 4.50
N ASP A 31 -13.10 -4.04 4.63
CA ASP A 31 -12.35 -4.33 5.84
C ASP A 31 -12.20 -3.06 6.70
N GLY A 32 -12.10 -1.92 6.04
CA GLY A 32 -11.95 -0.66 6.76
C GLY A 32 -10.52 -0.40 7.18
N LYS A 33 -9.57 -0.93 6.41
CA LYS A 33 -8.15 -0.75 6.71
C LYS A 33 -7.39 -0.30 5.47
N VAL A 34 -6.10 -0.01 5.64
CA VAL A 34 -5.26 0.42 4.53
C VAL A 34 -4.48 -0.74 3.95
N ILE A 35 -4.70 -1.03 2.67
CA ILE A 35 -4.02 -2.11 2.00
C ILE A 35 -3.08 -1.59 0.91
N CYS A 36 -2.20 -2.45 0.42
CA CYS A 36 -1.24 -2.08 -0.62
C CYS A 36 -1.56 -2.80 -1.93
N TRP A 37 -0.82 -2.45 -2.97
CA TRP A 37 -1.01 -3.07 -4.28
C TRP A 37 -1.14 -4.58 -4.15
N LEU A 38 -0.08 -5.23 -3.69
CA LEU A 38 -0.08 -6.68 -3.52
C LEU A 38 -1.36 -7.16 -2.84
N CYS A 39 -1.73 -6.49 -1.75
CA CYS A 39 -2.93 -6.84 -1.01
C CYS A 39 -4.17 -6.74 -1.91
N GLU A 40 -4.32 -5.59 -2.57
CA GLU A 40 -5.45 -5.37 -3.45
C GLU A 40 -5.51 -6.44 -4.55
N ARG A 41 -4.35 -6.79 -5.09
CA ARG A 41 -4.28 -7.80 -6.14
C ARG A 41 -4.18 -9.20 -5.54
N SER A 42 -4.52 -9.31 -4.25
CA SER A 42 -4.46 -10.60 -3.56
C SER A 42 -5.86 -11.05 -3.15
N GLN A 43 -6.15 -12.32 -3.37
CA GLN A 43 -7.45 -12.88 -3.02
C GLN A 43 -7.94 -12.32 -1.69
N GLU A 44 -7.01 -11.98 -0.81
CA GLU A 44 -7.34 -11.43 0.49
C GLU A 44 -8.25 -10.20 0.35
N HIS A 45 -7.85 -9.27 -0.50
CA HIS A 45 -8.62 -8.06 -0.72
C HIS A 45 -9.08 -7.97 -2.17
N ARG A 46 -8.99 -9.08 -2.88
CA ARG A 46 -9.40 -9.13 -4.29
C ARG A 46 -10.89 -8.81 -4.44
N GLY A 47 -11.20 -7.84 -5.29
CA GLY A 47 -12.58 -7.46 -5.50
C GLY A 47 -13.13 -6.60 -4.38
N HIS A 48 -12.23 -6.01 -3.60
CA HIS A 48 -12.62 -5.16 -2.48
C HIS A 48 -12.57 -3.68 -2.88
N HIS A 49 -13.58 -2.93 -2.46
CA HIS A 49 -13.66 -1.51 -2.77
C HIS A 49 -12.59 -0.73 -2.01
N THR A 50 -11.64 -0.18 -2.75
CA THR A 50 -10.56 0.60 -2.14
C THR A 50 -10.58 2.05 -2.62
N PHE A 51 -10.00 2.94 -1.84
CA PHE A 51 -9.95 4.36 -2.17
C PHE A 51 -8.68 5.01 -1.64
N PRO A 52 -8.14 5.96 -2.40
CA PRO A 52 -6.92 6.68 -2.02
C PRO A 52 -7.14 7.61 -0.84
N THR A 53 -6.95 7.09 0.37
CA THR A 53 -7.14 7.88 1.57
C THR A 53 -6.00 8.89 1.75
N SER A 54 -4.82 8.52 1.29
CA SER A 54 -3.65 9.39 1.40
C SER A 54 -3.13 9.77 0.01
N GLY A 55 -3.17 8.81 -0.91
CA GLY A 55 -2.68 9.06 -2.26
C GLY A 55 -2.95 10.48 -2.71
N PRO A 56 -2.02 11.02 -3.52
CA PRO A 56 -2.14 12.39 -4.04
C PRO A 56 -3.26 12.53 -5.07
N SER A 57 -3.73 13.75 -5.26
CA SER A 57 -4.80 14.03 -6.21
C SER A 57 -4.25 14.13 -7.63
N SER A 58 -3.23 14.95 -7.80
CA SER A 58 -2.62 15.15 -9.11
C SER A 58 -1.37 14.27 -9.26
N GLY A 59 -1.42 13.33 -10.19
CA GLY A 59 -0.29 12.45 -10.42
C GLY A 59 0.06 12.32 -11.89
ZN ZN B . 0.37 -5.90 1.52
ZN ZN C . -10.48 -5.72 1.84
N GLY A 1 22.09 -10.40 -1.31
CA GLY A 1 23.32 -10.44 -2.07
C GLY A 1 23.07 -10.62 -3.56
N SER A 2 22.56 -11.79 -3.94
CA SER A 2 22.28 -12.09 -5.33
C SER A 2 20.83 -11.79 -5.68
N SER A 3 20.60 -11.35 -6.90
CA SER A 3 19.25 -11.02 -7.35
C SER A 3 18.69 -9.81 -6.60
N GLY A 4 19.54 -8.81 -6.41
CA GLY A 4 19.13 -7.61 -5.71
C GLY A 4 18.25 -6.71 -6.56
N SER A 5 18.49 -5.40 -6.48
CA SER A 5 17.71 -4.43 -7.24
C SER A 5 18.37 -3.06 -7.21
N SER A 6 18.06 -2.24 -8.21
CA SER A 6 18.63 -0.90 -8.29
C SER A 6 17.60 0.09 -8.83
N GLY A 7 17.37 1.16 -8.07
CA GLY A 7 16.40 2.17 -8.47
C GLY A 7 15.90 2.99 -7.30
N SER A 8 16.80 3.34 -6.39
CA SER A 8 16.43 4.12 -5.22
C SER A 8 15.43 3.37 -4.35
N PRO A 9 15.73 2.09 -4.08
CA PRO A 9 14.87 1.23 -3.26
C PRO A 9 14.86 1.65 -1.79
N GLU A 10 15.56 2.74 -1.49
CA GLU A 10 15.64 3.23 -0.12
C GLU A 10 14.94 4.59 0.00
N GLY A 11 13.96 4.65 0.91
CA GLY A 11 13.24 5.89 1.11
C GLY A 11 12.75 6.05 2.54
N GLN A 12 11.54 6.57 2.69
CA GLN A 12 10.96 6.78 4.01
C GLN A 12 9.74 5.88 4.22
N LYS A 13 9.87 4.95 5.17
CA LYS A 13 8.78 4.02 5.48
C LYS A 13 7.54 4.77 5.96
N VAL A 14 6.56 4.92 5.08
CA VAL A 14 5.33 5.61 5.42
C VAL A 14 4.12 4.71 5.22
N ASP A 15 3.60 4.18 6.32
CA ASP A 15 2.44 3.29 6.27
C ASP A 15 2.69 2.14 5.30
N HIS A 16 3.84 1.49 5.44
CA HIS A 16 4.19 0.36 4.58
C HIS A 16 3.63 -0.94 5.14
N CYS A 17 3.03 -1.74 4.26
CA CYS A 17 2.44 -3.02 4.66
C CYS A 17 3.49 -3.91 5.31
N ALA A 18 3.24 -4.29 6.55
CA ALA A 18 4.15 -5.16 7.29
C ALA A 18 4.24 -6.54 6.66
N ARG A 19 3.37 -6.80 5.70
CA ARG A 19 3.35 -8.08 5.00
C ARG A 19 4.20 -8.04 3.75
N HIS A 20 3.91 -7.07 2.88
CA HIS A 20 4.65 -6.92 1.63
C HIS A 20 5.71 -5.83 1.76
N GLY A 21 5.34 -4.74 2.42
CA GLY A 21 6.27 -3.63 2.59
C GLY A 21 6.00 -2.49 1.63
N GLU A 22 4.89 -2.58 0.91
CA GLU A 22 4.52 -1.54 -0.06
C GLU A 22 3.81 -0.38 0.62
N LYS A 23 3.97 0.82 0.07
CA LYS A 23 3.34 2.01 0.62
C LYS A 23 1.83 1.88 0.59
N LEU A 24 1.20 2.03 1.76
CA LEU A 24 -0.25 1.94 1.86
C LEU A 24 -0.91 3.27 1.51
N LEU A 25 -1.46 3.35 0.30
CA LEU A 25 -2.12 4.57 -0.16
C LEU A 25 -3.60 4.31 -0.42
N LEU A 26 -4.04 3.08 -0.20
CA LEU A 26 -5.43 2.71 -0.41
C LEU A 26 -6.11 2.40 0.92
N PHE A 27 -7.44 2.38 0.90
CA PHE A 27 -8.22 2.11 2.10
C PHE A 27 -9.39 1.17 1.79
N CYS A 28 -9.28 -0.07 2.24
CA CYS A 28 -10.32 -1.07 2.01
C CYS A 28 -11.58 -0.73 2.81
N GLN A 29 -12.72 -0.72 2.13
CA GLN A 29 -13.99 -0.41 2.78
C GLN A 29 -14.59 -1.66 3.41
N GLU A 30 -14.52 -2.78 2.70
CA GLU A 30 -15.05 -4.04 3.19
C GLU A 30 -14.43 -4.42 4.53
N ASP A 31 -13.13 -4.20 4.65
CA ASP A 31 -12.42 -4.51 5.88
C ASP A 31 -12.16 -3.25 6.70
N GLY A 32 -12.19 -2.10 6.02
CA GLY A 32 -11.96 -0.85 6.71
C GLY A 32 -10.52 -0.68 7.14
N LYS A 33 -9.59 -1.28 6.39
CA LYS A 33 -8.17 -1.20 6.71
C LYS A 33 -7.36 -0.86 5.47
N VAL A 34 -6.26 -0.14 5.66
CA VAL A 34 -5.39 0.25 4.56
C VAL A 34 -4.66 -0.96 3.97
N ILE A 35 -4.62 -1.04 2.65
CA ILE A 35 -3.96 -2.15 1.98
C ILE A 35 -3.10 -1.65 0.82
N CYS A 36 -2.10 -2.44 0.44
CA CYS A 36 -1.22 -2.08 -0.65
C CYS A 36 -1.62 -2.78 -1.94
N TRP A 37 -0.94 -2.44 -3.04
CA TRP A 37 -1.24 -3.04 -4.33
C TRP A 37 -1.31 -4.56 -4.22
N LEU A 38 -0.19 -5.18 -3.88
CA LEU A 38 -0.13 -6.63 -3.74
C LEU A 38 -1.33 -7.15 -2.95
N CYS A 39 -1.69 -6.43 -1.90
CA CYS A 39 -2.83 -6.81 -1.07
C CYS A 39 -4.13 -6.74 -1.86
N GLU A 40 -4.37 -5.60 -2.49
CA GLU A 40 -5.59 -5.40 -3.27
C GLU A 40 -5.73 -6.48 -4.34
N ARG A 41 -4.63 -6.80 -5.01
CA ARG A 41 -4.63 -7.82 -6.05
C ARG A 41 -4.66 -9.21 -5.44
N SER A 42 -4.45 -9.29 -4.13
CA SER A 42 -4.45 -10.57 -3.43
C SER A 42 -5.87 -11.07 -3.21
N GLN A 43 -6.07 -12.36 -3.46
CA GLN A 43 -7.39 -12.98 -3.29
C GLN A 43 -7.99 -12.62 -1.94
N GLU A 44 -7.13 -12.18 -1.02
CA GLU A 44 -7.58 -11.82 0.32
C GLU A 44 -8.40 -10.53 0.29
N HIS A 45 -7.93 -9.55 -0.48
CA HIS A 45 -8.62 -8.28 -0.60
C HIS A 45 -9.08 -8.04 -2.03
N ARG A 46 -9.12 -9.12 -2.82
CA ARG A 46 -9.54 -9.02 -4.22
C ARG A 46 -11.01 -8.64 -4.32
N GLY A 47 -11.34 -7.80 -5.29
CA GLY A 47 -12.72 -7.37 -5.47
C GLY A 47 -13.11 -6.25 -4.53
N HIS A 48 -12.44 -6.19 -3.38
CA HIS A 48 -12.73 -5.16 -2.38
C HIS A 48 -12.45 -3.77 -2.93
N HIS A 49 -13.35 -2.83 -2.65
CA HIS A 49 -13.19 -1.46 -3.12
C HIS A 49 -12.34 -0.65 -2.15
N THR A 50 -11.32 0.02 -2.69
CA THR A 50 -10.42 0.83 -1.87
C THR A 50 -10.34 2.26 -2.40
N PHE A 51 -9.97 3.19 -1.52
CA PHE A 51 -9.86 4.59 -1.90
C PHE A 51 -8.47 5.13 -1.59
N PRO A 52 -7.98 6.06 -2.43
CA PRO A 52 -6.67 6.67 -2.26
C PRO A 52 -6.60 7.59 -1.04
N THR A 53 -6.21 7.03 0.10
CA THR A 53 -6.10 7.80 1.33
C THR A 53 -5.50 9.17 1.07
N SER A 54 -4.30 9.18 0.50
CA SER A 54 -3.60 10.42 0.21
C SER A 54 -3.39 10.58 -1.30
N GLY A 55 -3.55 9.49 -2.04
CA GLY A 55 -3.37 9.53 -3.47
C GLY A 55 -3.87 10.83 -4.08
N PRO A 56 -3.29 11.21 -5.22
CA PRO A 56 -3.65 12.44 -5.94
C PRO A 56 -5.05 12.36 -6.55
N SER A 57 -5.80 11.33 -6.17
CA SER A 57 -7.15 11.13 -6.69
C SER A 57 -7.12 10.82 -8.18
N SER A 58 -6.18 9.95 -8.58
CA SER A 58 -6.04 9.57 -9.97
C SER A 58 -5.74 10.79 -10.84
N GLY A 59 -4.90 11.69 -10.33
CA GLY A 59 -4.54 12.88 -11.07
C GLY A 59 -3.42 12.64 -12.06
ZN ZN B . 0.31 -5.89 1.68
ZN ZN C . -10.44 -6.00 1.94
N GLY A 1 14.43 26.07 10.36
CA GLY A 1 15.24 27.07 9.69
C GLY A 1 16.71 26.76 9.73
N SER A 2 17.05 25.48 9.56
CA SER A 2 18.44 25.05 9.59
C SER A 2 19.01 24.96 8.17
N SER A 3 20.34 24.98 8.06
CA SER A 3 21.00 24.89 6.76
C SER A 3 20.53 23.67 5.99
N GLY A 4 20.37 23.83 4.67
CA GLY A 4 19.92 22.73 3.85
C GLY A 4 18.52 22.93 3.32
N SER A 5 18.04 21.98 2.53
CA SER A 5 16.70 22.06 1.95
C SER A 5 15.86 20.85 2.37
N SER A 6 14.55 20.95 2.14
CA SER A 6 13.63 19.87 2.49
C SER A 6 13.17 19.12 1.25
N GLY A 7 13.58 17.86 1.14
CA GLY A 7 13.20 17.06 -0.01
C GLY A 7 14.05 15.82 -0.15
N SER A 8 13.57 14.71 0.43
CA SER A 8 14.30 13.44 0.36
C SER A 8 13.80 12.58 -0.80
N PRO A 9 14.61 12.49 -1.86
CA PRO A 9 14.27 11.69 -3.04
C PRO A 9 14.29 10.20 -2.76
N GLU A 10 15.03 9.80 -1.74
CA GLU A 10 15.14 8.39 -1.38
C GLU A 10 13.90 7.93 -0.60
N GLY A 11 13.18 6.98 -1.16
CA GLY A 11 11.99 6.47 -0.50
C GLY A 11 12.13 6.39 1.00
N GLN A 12 11.07 6.77 1.71
CA GLN A 12 11.09 6.75 3.17
C GLN A 12 9.95 5.89 3.72
N LYS A 13 10.22 5.19 4.81
CA LYS A 13 9.22 4.32 5.44
C LYS A 13 7.98 5.13 5.80
N VAL A 14 6.90 4.93 5.04
CA VAL A 14 5.65 5.62 5.28
C VAL A 14 4.46 4.70 5.07
N ASP A 15 3.88 4.22 6.17
CA ASP A 15 2.73 3.33 6.09
C ASP A 15 3.03 2.13 5.20
N HIS A 16 4.23 1.56 5.35
CA HIS A 16 4.64 0.41 4.57
C HIS A 16 3.99 -0.87 5.10
N CYS A 17 3.40 -1.66 4.19
CA CYS A 17 2.76 -2.90 4.57
C CYS A 17 3.74 -3.86 5.24
N ALA A 18 3.39 -4.34 6.43
CA ALA A 18 4.25 -5.25 7.16
C ALA A 18 4.19 -6.66 6.57
N ARG A 19 3.43 -6.80 5.50
CA ARG A 19 3.29 -8.10 4.84
C ARG A 19 4.07 -8.12 3.52
N HIS A 20 4.00 -7.03 2.77
CA HIS A 20 4.70 -6.93 1.50
C HIS A 20 5.74 -5.80 1.54
N GLY A 21 5.43 -4.75 2.30
CA GLY A 21 6.35 -3.63 2.41
C GLY A 21 5.91 -2.45 1.56
N GLU A 22 5.01 -2.70 0.62
CA GLU A 22 4.50 -1.65 -0.25
C GLU A 22 3.80 -0.55 0.55
N LYS A 23 3.96 0.68 0.11
CA LYS A 23 3.35 1.83 0.78
C LYS A 23 1.83 1.74 0.72
N LEU A 24 1.19 1.90 1.88
CA LEU A 24 -0.27 1.84 1.95
C LEU A 24 -0.89 3.19 1.61
N LEU A 25 -1.42 3.30 0.39
CA LEU A 25 -2.03 4.54 -0.05
C LEU A 25 -3.51 4.33 -0.37
N LEU A 26 -3.99 3.10 -0.15
CA LEU A 26 -5.38 2.76 -0.41
C LEU A 26 -6.09 2.36 0.88
N PHE A 27 -7.40 2.60 0.92
CA PHE A 27 -8.20 2.27 2.10
C PHE A 27 -9.35 1.34 1.73
N CYS A 28 -9.29 0.11 2.21
CA CYS A 28 -10.33 -0.88 1.94
C CYS A 28 -11.59 -0.58 2.74
N GLN A 29 -12.73 -0.63 2.06
CA GLN A 29 -14.01 -0.37 2.72
C GLN A 29 -14.60 -1.65 3.31
N GLU A 30 -14.44 -2.76 2.59
CA GLU A 30 -14.96 -4.04 3.04
C GLU A 30 -14.34 -4.43 4.38
N ASP A 31 -13.05 -4.14 4.53
CA ASP A 31 -12.33 -4.46 5.76
C ASP A 31 -12.08 -3.20 6.58
N GLY A 32 -12.15 -2.05 5.94
CA GLY A 32 -11.94 -0.79 6.64
C GLY A 32 -10.50 -0.62 7.10
N LYS A 33 -9.58 -1.20 6.35
CA LYS A 33 -8.16 -1.11 6.67
C LYS A 33 -7.34 -0.75 5.44
N VAL A 34 -6.22 -0.06 5.66
CA VAL A 34 -5.34 0.35 4.57
C VAL A 34 -4.57 -0.84 4.02
N ILE A 35 -4.59 -1.00 2.70
CA ILE A 35 -3.90 -2.10 2.04
C ILE A 35 -3.09 -1.59 0.85
N CYS A 36 -2.02 -2.32 0.53
CA CYS A 36 -1.16 -1.96 -0.59
C CYS A 36 -1.51 -2.77 -1.84
N TRP A 37 -0.81 -2.49 -2.93
CA TRP A 37 -1.04 -3.20 -4.19
C TRP A 37 -1.03 -4.70 -3.98
N LEU A 38 0.05 -5.20 -3.39
CA LEU A 38 0.19 -6.64 -3.12
C LEU A 38 -1.04 -7.18 -2.41
N CYS A 39 -1.63 -6.34 -1.56
CA CYS A 39 -2.82 -6.74 -0.80
C CYS A 39 -4.06 -6.67 -1.68
N GLU A 40 -4.33 -5.50 -2.23
CA GLU A 40 -5.50 -5.29 -3.09
C GLU A 40 -5.56 -6.36 -4.18
N ARG A 41 -4.39 -6.73 -4.70
CA ARG A 41 -4.31 -7.74 -5.75
C ARG A 41 -4.41 -9.15 -5.15
N SER A 42 -4.27 -9.24 -3.84
CA SER A 42 -4.33 -10.52 -3.15
C SER A 42 -5.75 -11.06 -3.13
N GLN A 43 -5.89 -12.38 -3.28
CA GLN A 43 -7.19 -13.02 -3.29
C GLN A 43 -7.96 -12.69 -2.00
N GLU A 44 -7.25 -12.15 -1.02
CA GLU A 44 -7.87 -11.79 0.26
C GLU A 44 -8.74 -10.55 0.11
N HIS A 45 -8.27 -9.58 -0.66
CA HIS A 45 -9.00 -8.34 -0.88
C HIS A 45 -9.57 -8.29 -2.30
N ARG A 46 -9.64 -9.46 -2.94
CA ARG A 46 -10.15 -9.54 -4.30
C ARG A 46 -11.59 -9.02 -4.37
N GLY A 47 -11.86 -8.14 -5.34
CA GLY A 47 -13.19 -7.60 -5.50
C GLY A 47 -13.53 -6.60 -4.41
N HIS A 48 -12.51 -6.07 -3.73
CA HIS A 48 -12.72 -5.11 -2.66
C HIS A 48 -12.46 -3.69 -3.16
N HIS A 49 -13.44 -2.81 -2.92
CA HIS A 49 -13.32 -1.42 -3.33
C HIS A 49 -12.38 -0.64 -2.41
N THR A 50 -11.41 0.04 -3.00
CA THR A 50 -10.44 0.82 -2.24
C THR A 50 -10.40 2.27 -2.71
N PHE A 51 -9.94 3.16 -1.84
CA PHE A 51 -9.85 4.57 -2.17
C PHE A 51 -8.57 5.18 -1.61
N PRO A 52 -8.01 6.17 -2.33
CA PRO A 52 -6.78 6.85 -1.92
C PRO A 52 -6.99 7.74 -0.70
N THR A 53 -6.98 7.12 0.48
CA THR A 53 -7.17 7.86 1.72
C THR A 53 -6.04 8.85 1.95
N SER A 54 -4.82 8.44 1.64
CA SER A 54 -3.66 9.29 1.81
C SER A 54 -3.29 9.98 0.50
N GLY A 55 -3.33 9.23 -0.59
CA GLY A 55 -3.00 9.78 -1.89
C GLY A 55 -3.44 11.22 -2.03
N PRO A 56 -2.51 12.10 -2.41
CA PRO A 56 -2.78 13.54 -2.59
C PRO A 56 -3.66 13.80 -3.81
N SER A 57 -4.27 14.98 -3.84
CA SER A 57 -5.14 15.36 -4.95
C SER A 57 -4.37 16.19 -5.99
N SER A 58 -3.57 17.12 -5.50
CA SER A 58 -2.78 17.98 -6.38
C SER A 58 -1.30 17.92 -6.02
N GLY A 59 -0.51 17.33 -6.91
CA GLY A 59 0.92 17.20 -6.67
C GLY A 59 1.72 17.22 -7.96
ZN ZN B . 0.39 -5.72 1.62
ZN ZN C . -10.56 -5.81 1.68
N GLY A 1 14.62 -10.07 -15.26
CA GLY A 1 15.34 -10.61 -14.12
C GLY A 1 14.42 -11.32 -13.14
N SER A 2 14.97 -11.70 -11.98
CA SER A 2 14.19 -12.39 -10.96
C SER A 2 14.16 -11.58 -9.67
N SER A 3 12.96 -11.36 -9.15
CA SER A 3 12.79 -10.60 -7.92
C SER A 3 12.51 -11.53 -6.74
N GLY A 4 12.87 -11.07 -5.53
CA GLY A 4 12.66 -11.87 -4.34
C GLY A 4 12.01 -11.08 -3.22
N SER A 5 12.78 -10.20 -2.60
CA SER A 5 12.28 -9.38 -1.50
C SER A 5 12.66 -7.92 -1.70
N SER A 6 11.66 -7.04 -1.62
CA SER A 6 11.88 -5.61 -1.79
C SER A 6 13.19 -5.18 -1.12
N GLY A 7 13.41 -5.66 0.10
CA GLY A 7 14.62 -5.32 0.83
C GLY A 7 14.35 -4.39 2.00
N SER A 8 14.75 -3.13 1.86
CA SER A 8 14.54 -2.15 2.91
C SER A 8 14.54 -0.73 2.34
N PRO A 9 13.59 0.09 2.82
CA PRO A 9 13.46 1.48 2.38
C PRO A 9 14.59 2.36 2.85
N GLU A 10 14.86 2.32 4.15
CA GLU A 10 15.94 3.12 4.75
C GLU A 10 15.81 4.58 4.34
N GLY A 11 14.58 5.09 4.36
CA GLY A 11 14.34 6.47 4.00
C GLY A 11 12.86 6.82 3.96
N GLN A 12 12.24 6.61 2.80
CA GLN A 12 10.82 6.90 2.64
C GLN A 12 9.96 5.79 3.23
N LYS A 13 9.37 6.07 4.40
CA LYS A 13 8.53 5.10 5.08
C LYS A 13 7.22 5.74 5.55
N VAL A 14 6.13 5.41 4.88
CA VAL A 14 4.82 5.95 5.24
C VAL A 14 3.72 4.90 5.10
N ASP A 15 3.28 4.36 6.22
CA ASP A 15 2.24 3.33 6.22
C ASP A 15 2.64 2.14 5.35
N HIS A 16 3.87 1.66 5.55
CA HIS A 16 4.37 0.52 4.78
C HIS A 16 3.75 -0.78 5.29
N CYS A 17 3.21 -1.56 4.35
CA CYS A 17 2.58 -2.84 4.70
C CYS A 17 3.60 -3.78 5.35
N ALA A 18 3.26 -4.27 6.53
CA ALA A 18 4.14 -5.18 7.26
C ALA A 18 4.09 -6.58 6.65
N ARG A 19 3.26 -6.75 5.61
CA ARG A 19 3.13 -8.04 4.95
C ARG A 19 3.95 -8.08 3.67
N HIS A 20 3.93 -6.98 2.93
CA HIS A 20 4.68 -6.90 1.67
C HIS A 20 5.73 -5.80 1.74
N GLY A 21 5.39 -4.70 2.43
CA GLY A 21 6.32 -3.59 2.56
C GLY A 21 6.00 -2.45 1.61
N GLU A 22 4.91 -2.60 0.86
CA GLU A 22 4.49 -1.57 -0.09
C GLU A 22 3.80 -0.42 0.63
N LYS A 23 3.99 0.80 0.11
CA LYS A 23 3.38 1.98 0.69
C LYS A 23 1.86 1.88 0.66
N LEU A 24 1.24 1.97 1.84
CA LEU A 24 -0.21 1.90 1.93
C LEU A 24 -0.85 3.23 1.56
N LEU A 25 -1.39 3.29 0.34
CA LEU A 25 -2.04 4.50 -0.15
C LEU A 25 -3.52 4.26 -0.43
N LEU A 26 -3.96 3.03 -0.19
CA LEU A 26 -5.35 2.66 -0.41
C LEU A 26 -6.06 2.37 0.92
N PHE A 27 -7.39 2.38 0.88
CA PHE A 27 -8.18 2.11 2.08
C PHE A 27 -9.35 1.17 1.77
N CYS A 28 -9.23 -0.07 2.21
CA CYS A 28 -10.27 -1.07 1.98
C CYS A 28 -11.49 -0.79 2.83
N GLN A 29 -12.65 -0.71 2.19
CA GLN A 29 -13.90 -0.44 2.89
C GLN A 29 -14.43 -1.70 3.56
N GLU A 30 -14.68 -2.74 2.76
CA GLU A 30 -15.19 -4.00 3.28
C GLU A 30 -14.51 -4.35 4.61
N ASP A 31 -13.22 -4.09 4.69
CA ASP A 31 -12.45 -4.38 5.89
C ASP A 31 -12.16 -3.11 6.68
N GLY A 32 -12.19 -1.97 5.98
CA GLY A 32 -11.92 -0.70 6.63
C GLY A 32 -10.48 -0.56 7.07
N LYS A 33 -9.57 -1.18 6.32
CA LYS A 33 -8.15 -1.11 6.64
C LYS A 33 -7.33 -0.75 5.41
N VAL A 34 -6.18 -0.14 5.63
CA VAL A 34 -5.30 0.27 4.54
C VAL A 34 -4.53 -0.93 3.98
N ILE A 35 -4.51 -1.04 2.67
CA ILE A 35 -3.80 -2.14 2.01
C ILE A 35 -2.96 -1.62 0.84
N CYS A 36 -1.94 -2.40 0.48
CA CYS A 36 -1.06 -2.03 -0.62
C CYS A 36 -1.49 -2.71 -1.92
N TRP A 37 -0.76 -2.44 -2.99
CA TRP A 37 -1.07 -3.02 -4.30
C TRP A 37 -1.15 -4.55 -4.19
N LEU A 38 -0.03 -5.17 -3.81
CA LEU A 38 0.01 -6.62 -3.68
C LEU A 38 -1.20 -7.14 -2.93
N CYS A 39 -1.57 -6.46 -1.85
CA CYS A 39 -2.71 -6.86 -1.04
C CYS A 39 -3.99 -6.85 -1.87
N GLU A 40 -4.27 -5.72 -2.52
CA GLU A 40 -5.45 -5.57 -3.35
C GLU A 40 -5.49 -6.65 -4.43
N ARG A 41 -4.34 -6.89 -5.05
CA ARG A 41 -4.24 -7.89 -6.10
C ARG A 41 -4.34 -9.30 -5.53
N SER A 42 -4.40 -9.39 -4.20
CA SER A 42 -4.49 -10.68 -3.53
C SER A 42 -5.94 -11.09 -3.32
N GLN A 43 -6.25 -12.34 -3.64
CA GLN A 43 -7.61 -12.86 -3.50
C GLN A 43 -8.17 -12.52 -2.12
N GLU A 44 -7.27 -12.18 -1.19
CA GLU A 44 -7.68 -11.85 0.17
C GLU A 44 -8.48 -10.54 0.18
N HIS A 45 -8.00 -9.56 -0.57
CA HIS A 45 -8.66 -8.27 -0.63
C HIS A 45 -9.14 -7.98 -2.06
N ARG A 46 -9.22 -9.02 -2.87
CA ARG A 46 -9.66 -8.88 -4.25
C ARG A 46 -11.15 -8.55 -4.32
N GLY A 47 -11.53 -7.70 -5.27
CA GLY A 47 -12.92 -7.33 -5.42
C GLY A 47 -13.34 -6.25 -4.44
N HIS A 48 -12.65 -6.18 -3.31
CA HIS A 48 -12.95 -5.19 -2.28
C HIS A 48 -12.73 -3.77 -2.81
N HIS A 49 -13.65 -2.87 -2.49
CA HIS A 49 -13.56 -1.48 -2.92
C HIS A 49 -12.54 -0.72 -2.09
N THR A 50 -11.54 -0.15 -2.76
CA THR A 50 -10.50 0.61 -2.09
C THR A 50 -10.53 2.07 -2.50
N PHE A 51 -9.95 2.93 -1.66
CA PHE A 51 -9.92 4.36 -1.94
C PHE A 51 -8.56 4.95 -1.60
N PRO A 52 -8.12 5.95 -2.38
CA PRO A 52 -6.83 6.61 -2.17
C PRO A 52 -6.81 7.46 -0.91
N THR A 53 -6.14 6.97 0.12
CA THR A 53 -6.04 7.70 1.39
C THR A 53 -5.42 9.07 1.19
N SER A 54 -4.24 9.10 0.59
CA SER A 54 -3.53 10.35 0.35
C SER A 54 -3.36 10.60 -1.14
N GLY A 55 -3.49 9.53 -1.94
CA GLY A 55 -3.35 9.65 -3.37
C GLY A 55 -3.84 10.98 -3.90
N PRO A 56 -3.04 11.61 -4.79
CA PRO A 56 -3.39 12.90 -5.38
C PRO A 56 -4.55 12.80 -6.36
N SER A 57 -5.40 13.82 -6.37
CA SER A 57 -6.55 13.84 -7.25
C SER A 57 -6.14 13.60 -8.70
N SER A 58 -6.56 12.47 -9.25
CA SER A 58 -6.23 12.12 -10.63
C SER A 58 -7.48 12.02 -11.49
N GLY A 59 -7.30 11.88 -12.80
CA GLY A 59 -8.42 11.77 -13.70
C GLY A 59 -8.76 10.33 -14.05
ZN ZN B . 0.34 -5.81 1.75
ZN ZN C . -10.47 -5.98 1.87
N GLY A 1 19.75 0.35 -13.09
CA GLY A 1 19.82 -0.01 -11.69
C GLY A 1 18.81 0.74 -10.85
N SER A 2 18.76 0.42 -9.56
CA SER A 2 17.83 1.06 -8.64
C SER A 2 18.37 1.06 -7.21
N SER A 3 17.75 1.87 -6.36
CA SER A 3 18.17 1.95 -4.97
C SER A 3 18.46 0.57 -4.39
N GLY A 4 17.54 -0.36 -4.63
CA GLY A 4 17.71 -1.71 -4.13
C GLY A 4 16.90 -1.98 -2.87
N SER A 5 17.47 -2.74 -1.95
CA SER A 5 16.79 -3.07 -0.70
C SER A 5 16.65 -1.84 0.19
N SER A 6 15.56 -1.78 0.94
CA SER A 6 15.30 -0.65 1.83
C SER A 6 16.17 -0.73 3.08
N GLY A 7 16.43 0.42 3.69
CA GLY A 7 17.24 0.45 4.89
C GLY A 7 16.70 1.41 5.93
N SER A 8 17.24 1.34 7.14
CA SER A 8 16.81 2.19 8.23
C SER A 8 17.13 3.66 7.94
N PRO A 9 18.41 3.92 7.60
CA PRO A 9 18.87 5.27 7.29
C PRO A 9 18.31 5.79 5.98
N GLU A 10 17.99 4.87 5.07
CA GLU A 10 17.44 5.24 3.76
C GLU A 10 16.13 4.52 3.51
N GLY A 11 15.08 5.30 3.26
CA GLY A 11 13.77 4.73 3.00
C GLY A 11 12.70 5.26 3.94
N GLN A 12 12.00 6.29 3.50
CA GLN A 12 10.95 6.90 4.31
C GLN A 12 9.87 5.88 4.66
N LYS A 13 9.92 5.38 5.89
CA LYS A 13 8.94 4.40 6.36
C LYS A 13 7.62 5.06 6.72
N VAL A 14 6.61 4.86 5.87
CA VAL A 14 5.30 5.44 6.11
C VAL A 14 4.19 4.43 5.79
N ASP A 15 3.63 3.84 6.83
CA ASP A 15 2.56 2.86 6.67
C ASP A 15 2.97 1.77 5.69
N HIS A 16 4.16 1.23 5.88
CA HIS A 16 4.67 0.17 5.00
C HIS A 16 4.09 -1.18 5.39
N CYS A 17 3.50 -1.86 4.42
CA CYS A 17 2.89 -3.16 4.66
C CYS A 17 3.93 -4.16 5.18
N ALA A 18 3.70 -4.66 6.39
CA ALA A 18 4.62 -5.61 7.00
C ALA A 18 4.58 -6.95 6.27
N ARG A 19 3.72 -7.05 5.26
CA ARG A 19 3.60 -8.27 4.47
C ARG A 19 4.41 -8.17 3.19
N HIS A 20 4.24 -7.06 2.47
CA HIS A 20 4.96 -6.85 1.22
C HIS A 20 5.96 -5.70 1.35
N GLY A 21 5.61 -4.72 2.17
CA GLY A 21 6.49 -3.57 2.38
C GLY A 21 6.01 -2.34 1.64
N GLU A 22 5.07 -2.53 0.71
CA GLU A 22 4.53 -1.43 -0.07
C GLU A 22 3.80 -0.43 0.84
N LYS A 23 3.89 0.84 0.49
CA LYS A 23 3.24 1.89 1.27
C LYS A 23 1.72 1.81 1.13
N LEU A 24 1.04 1.63 2.26
CA LEU A 24 -0.42 1.53 2.27
C LEU A 24 -1.06 2.89 1.99
N LEU A 25 -1.52 3.07 0.75
CA LEU A 25 -2.15 4.32 0.36
C LEU A 25 -3.60 4.09 -0.05
N LEU A 26 -4.00 2.82 -0.10
CA LEU A 26 -5.37 2.47 -0.48
C LEU A 26 -6.18 2.04 0.75
N PHE A 27 -7.30 2.71 0.97
CA PHE A 27 -8.17 2.40 2.10
C PHE A 27 -9.28 1.44 1.69
N CYS A 28 -9.23 0.23 2.26
CA CYS A 28 -10.23 -0.79 1.95
C CYS A 28 -11.55 -0.49 2.65
N GLN A 29 -12.65 -0.69 1.94
CA GLN A 29 -13.97 -0.44 2.49
C GLN A 29 -14.55 -1.70 3.15
N GLU A 30 -14.33 -2.84 2.49
CA GLU A 30 -14.82 -4.12 3.01
C GLU A 30 -14.26 -4.39 4.41
N ASP A 31 -12.98 -4.09 4.59
CA ASP A 31 -12.33 -4.31 5.88
C ASP A 31 -12.20 -3.00 6.64
N GLY A 32 -11.97 -1.90 5.91
CA GLY A 32 -11.83 -0.61 6.54
C GLY A 32 -10.40 -0.31 6.95
N LYS A 33 -9.45 -1.00 6.32
CA LYS A 33 -8.04 -0.81 6.63
C LYS A 33 -7.26 -0.43 5.37
N VAL A 34 -6.16 0.28 5.55
CA VAL A 34 -5.32 0.71 4.44
C VAL A 34 -4.48 -0.44 3.91
N ILE A 35 -4.85 -0.95 2.74
CA ILE A 35 -4.13 -2.05 2.12
C ILE A 35 -3.19 -1.55 1.02
N CYS A 36 -2.29 -2.42 0.58
CA CYS A 36 -1.33 -2.06 -0.46
C CYS A 36 -1.61 -2.85 -1.74
N TRP A 37 -1.07 -2.37 -2.86
CA TRP A 37 -1.26 -3.03 -4.14
C TRP A 37 -1.27 -4.55 -3.99
N LEU A 38 -0.13 -5.09 -3.56
CA LEU A 38 -0.01 -6.53 -3.36
C LEU A 38 -1.22 -7.09 -2.63
N CYS A 39 -1.74 -6.31 -1.69
CA CYS A 39 -2.91 -6.73 -0.92
C CYS A 39 -4.19 -6.62 -1.74
N GLU A 40 -4.42 -5.42 -2.29
CA GLU A 40 -5.61 -5.19 -3.10
C GLU A 40 -5.72 -6.22 -4.23
N ARG A 41 -4.58 -6.58 -4.80
CA ARG A 41 -4.55 -7.56 -5.88
C ARG A 41 -4.57 -8.98 -5.33
N SER A 42 -4.33 -9.11 -4.03
CA SER A 42 -4.32 -10.41 -3.38
C SER A 42 -5.73 -10.98 -3.28
N GLN A 43 -5.84 -12.31 -3.36
CA GLN A 43 -7.14 -12.97 -3.28
C GLN A 43 -7.81 -12.69 -1.94
N GLU A 44 -7.08 -12.06 -1.03
CA GLU A 44 -7.60 -11.74 0.29
C GLU A 44 -8.49 -10.49 0.24
N HIS A 45 -8.05 -9.50 -0.54
CA HIS A 45 -8.79 -8.26 -0.69
C HIS A 45 -9.42 -8.16 -2.07
N ARG A 46 -9.53 -9.29 -2.75
CA ARG A 46 -10.11 -9.34 -4.08
C ARG A 46 -11.56 -8.87 -4.06
N GLY A 47 -11.93 -8.07 -5.05
CA GLY A 47 -13.29 -7.55 -5.13
C GLY A 47 -13.51 -6.36 -4.22
N HIS A 48 -12.69 -6.26 -3.18
CA HIS A 48 -12.80 -5.15 -2.23
C HIS A 48 -12.50 -3.81 -2.91
N HIS A 49 -13.43 -2.87 -2.79
CA HIS A 49 -13.27 -1.55 -3.40
C HIS A 49 -12.33 -0.69 -2.56
N THR A 50 -11.27 -0.20 -3.20
CA THR A 50 -10.28 0.64 -2.53
C THR A 50 -10.36 2.08 -3.02
N PHE A 51 -10.02 3.02 -2.14
CA PHE A 51 -10.05 4.44 -2.49
C PHE A 51 -8.77 5.13 -2.05
N PRO A 52 -8.31 6.11 -2.85
CA PRO A 52 -7.09 6.87 -2.56
C PRO A 52 -7.27 7.80 -1.36
N THR A 53 -7.17 7.24 -0.16
CA THR A 53 -7.31 8.02 1.06
C THR A 53 -6.13 8.98 1.24
N SER A 54 -4.97 8.57 0.75
CA SER A 54 -3.76 9.39 0.86
C SER A 54 -2.85 9.17 -0.35
N GLY A 55 -1.74 9.91 -0.38
CA GLY A 55 -0.80 9.79 -1.47
C GLY A 55 0.03 11.04 -1.67
N PRO A 56 1.32 10.87 -2.00
CA PRO A 56 2.23 11.99 -2.22
C PRO A 56 1.92 12.76 -3.49
N SER A 57 1.20 12.10 -4.42
CA SER A 57 0.83 12.73 -5.68
C SER A 57 -0.49 12.16 -6.20
N SER A 58 -1.24 13.00 -6.89
CA SER A 58 -2.53 12.59 -7.44
C SER A 58 -2.35 11.66 -8.64
N GLY A 59 -3.03 10.53 -8.61
CA GLY A 59 -2.93 9.58 -9.70
C GLY A 59 -4.26 8.93 -10.03
ZN ZN B . 0.51 -5.84 1.48
ZN ZN C . -10.23 -5.73 1.93
N GLY A 1 17.63 -5.91 -15.48
CA GLY A 1 18.47 -5.14 -14.56
C GLY A 1 17.71 -4.66 -13.35
N SER A 2 18.41 -4.53 -12.23
CA SER A 2 17.78 -4.07 -10.99
C SER A 2 17.86 -2.55 -10.87
N SER A 3 17.18 -2.01 -9.87
CA SER A 3 17.16 -0.57 -9.64
C SER A 3 17.43 -0.24 -8.18
N GLY A 4 18.27 0.77 -7.95
CA GLY A 4 18.60 1.17 -6.60
C GLY A 4 20.06 0.96 -6.27
N SER A 5 20.93 1.54 -7.09
CA SER A 5 22.37 1.42 -6.88
C SER A 5 22.82 2.21 -5.67
N SER A 6 22.54 3.51 -5.68
CA SER A 6 22.92 4.39 -4.59
C SER A 6 21.76 4.58 -3.62
N GLY A 7 22.07 5.04 -2.41
CA GLY A 7 21.05 5.26 -1.41
C GLY A 7 20.62 3.97 -0.72
N SER A 8 20.24 4.07 0.55
CA SER A 8 19.82 2.91 1.32
C SER A 8 18.39 2.49 0.92
N PRO A 9 18.15 1.18 0.93
CA PRO A 9 16.84 0.61 0.58
C PRO A 9 15.79 0.91 1.64
N GLU A 10 16.23 1.28 2.83
CA GLU A 10 15.33 1.59 3.92
C GLU A 10 15.48 3.04 4.37
N GLY A 11 14.47 3.86 4.06
CA GLY A 11 14.52 5.27 4.43
C GLY A 11 13.19 5.76 4.96
N GLN A 12 12.35 6.28 4.07
CA GLN A 12 11.05 6.80 4.46
C GLN A 12 10.00 5.69 4.49
N LYS A 13 9.56 5.33 5.69
CA LYS A 13 8.56 4.28 5.85
C LYS A 13 7.27 4.85 6.41
N VAL A 14 6.25 4.96 5.56
CA VAL A 14 4.96 5.49 5.99
C VAL A 14 3.84 4.48 5.70
N ASP A 15 3.40 3.79 6.75
CA ASP A 15 2.33 2.81 6.62
C ASP A 15 2.71 1.74 5.59
N HIS A 16 3.93 1.21 5.71
CA HIS A 16 4.40 0.18 4.80
C HIS A 16 3.90 -1.20 5.21
N CYS A 17 3.26 -1.89 4.28
CA CYS A 17 2.74 -3.23 4.55
C CYS A 17 3.81 -4.12 5.15
N ALA A 18 3.46 -4.85 6.22
CA ALA A 18 4.39 -5.75 6.87
C ALA A 18 4.39 -7.12 6.22
N ARG A 19 3.59 -7.27 5.16
CA ARG A 19 3.49 -8.54 4.44
C ARG A 19 4.15 -8.43 3.07
N HIS A 20 4.05 -7.25 2.45
CA HIS A 20 4.63 -7.03 1.14
C HIS A 20 5.71 -5.95 1.20
N GLY A 21 5.49 -4.95 2.06
CA GLY A 21 6.44 -3.86 2.20
C GLY A 21 6.09 -2.67 1.33
N GLU A 22 4.86 -2.66 0.81
CA GLU A 22 4.42 -1.57 -0.05
C GLU A 22 3.70 -0.49 0.76
N LYS A 23 3.86 0.76 0.35
CA LYS A 23 3.23 1.88 1.03
C LYS A 23 1.72 1.81 0.94
N LEU A 24 1.06 1.73 2.09
CA LEU A 24 -0.40 1.64 2.13
C LEU A 24 -1.03 3.01 1.87
N LEU A 25 -1.52 3.21 0.65
CA LEU A 25 -2.15 4.46 0.28
C LEU A 25 -3.62 4.26 -0.10
N LEU A 26 -4.05 3.00 -0.07
CA LEU A 26 -5.43 2.66 -0.39
C LEU A 26 -6.21 2.24 0.85
N PHE A 27 -7.45 2.70 0.94
CA PHE A 27 -8.30 2.36 2.09
C PHE A 27 -9.43 1.43 1.67
N CYS A 28 -9.39 0.20 2.20
CA CYS A 28 -10.42 -0.78 1.89
C CYS A 28 -11.72 -0.47 2.60
N GLN A 29 -12.84 -0.55 1.88
CA GLN A 29 -14.15 -0.27 2.45
C GLN A 29 -14.76 -1.53 3.04
N GLU A 30 -14.41 -2.68 2.47
CA GLU A 30 -14.94 -3.96 2.95
C GLU A 30 -14.39 -4.28 4.33
N ASP A 31 -13.11 -3.98 4.54
CA ASP A 31 -12.46 -4.24 5.82
C ASP A 31 -12.32 -2.96 6.63
N GLY A 32 -12.05 -1.86 5.92
CA GLY A 32 -11.88 -0.57 6.59
C GLY A 32 -10.45 -0.32 7.01
N LYS A 33 -9.51 -0.99 6.35
CA LYS A 33 -8.09 -0.83 6.66
C LYS A 33 -7.32 -0.39 5.41
N VAL A 34 -6.13 0.17 5.64
CA VAL A 34 -5.28 0.62 4.55
C VAL A 34 -4.47 -0.53 3.96
N ILE A 35 -4.83 -0.93 2.74
CA ILE A 35 -4.13 -2.01 2.06
C ILE A 35 -3.19 -1.48 0.99
N CYS A 36 -2.30 -2.35 0.51
CA CYS A 36 -1.34 -1.96 -0.52
C CYS A 36 -1.63 -2.68 -1.83
N TRP A 37 -0.89 -2.32 -2.87
CA TRP A 37 -1.08 -2.93 -4.19
C TRP A 37 -1.23 -4.44 -4.07
N LEU A 38 -0.18 -5.10 -3.58
CA LEU A 38 -0.20 -6.55 -3.42
C LEU A 38 -1.49 -7.01 -2.75
N CYS A 39 -1.86 -6.34 -1.67
CA CYS A 39 -3.08 -6.68 -0.94
C CYS A 39 -4.30 -6.54 -1.84
N GLU A 40 -4.37 -5.42 -2.55
CA GLU A 40 -5.50 -5.16 -3.45
C GLU A 40 -5.62 -6.26 -4.50
N ARG A 41 -4.48 -6.68 -5.03
CA ARG A 41 -4.46 -7.73 -6.05
C ARG A 41 -4.27 -9.11 -5.41
N SER A 42 -4.53 -9.19 -4.11
CA SER A 42 -4.38 -10.44 -3.38
C SER A 42 -5.75 -11.02 -3.01
N GLN A 43 -5.86 -12.34 -3.08
CA GLN A 43 -7.11 -13.01 -2.75
C GLN A 43 -7.66 -12.51 -1.41
N GLU A 44 -6.78 -12.00 -0.57
CA GLU A 44 -7.18 -11.50 0.74
C GLU A 44 -8.14 -10.32 0.59
N HIS A 45 -7.78 -9.36 -0.26
CA HIS A 45 -8.61 -8.19 -0.48
C HIS A 45 -9.07 -8.13 -1.94
N ARG A 46 -8.98 -9.26 -2.63
CA ARG A 46 -9.38 -9.33 -4.03
C ARG A 46 -10.86 -8.97 -4.19
N GLY A 47 -11.17 -8.20 -5.23
CA GLY A 47 -12.54 -7.80 -5.47
C GLY A 47 -13.06 -6.86 -4.41
N HIS A 48 -12.15 -6.23 -3.67
CA HIS A 48 -12.53 -5.30 -2.61
C HIS A 48 -12.44 -3.86 -3.11
N HIS A 49 -13.36 -3.02 -2.64
CA HIS A 49 -13.39 -1.61 -3.03
C HIS A 49 -12.40 -0.80 -2.22
N THR A 50 -11.45 -0.15 -2.90
CA THR A 50 -10.45 0.65 -2.24
C THR A 50 -10.55 2.12 -2.66
N PHE A 51 -10.20 3.02 -1.74
CA PHE A 51 -10.26 4.44 -2.01
C PHE A 51 -8.95 5.12 -1.62
N PRO A 52 -8.54 6.11 -2.44
CA PRO A 52 -7.30 6.86 -2.21
C PRO A 52 -7.39 7.78 -0.99
N THR A 53 -6.49 7.58 -0.04
CA THR A 53 -6.46 8.39 1.17
C THR A 53 -5.64 9.65 0.98
N SER A 54 -4.42 9.49 0.47
CA SER A 54 -3.53 10.61 0.24
C SER A 54 -3.19 10.75 -1.24
N GLY A 55 -3.43 9.68 -2.00
CA GLY A 55 -3.16 9.71 -3.42
C GLY A 55 -3.43 11.06 -4.05
N PRO A 56 -2.35 11.76 -4.43
CA PRO A 56 -2.46 13.09 -5.04
C PRO A 56 -3.04 13.02 -6.46
N SER A 57 -2.48 12.16 -7.28
CA SER A 57 -2.95 11.99 -8.65
C SER A 57 -4.00 10.90 -8.76
N SER A 58 -5.05 11.16 -9.53
CA SER A 58 -6.13 10.20 -9.71
C SER A 58 -6.93 10.50 -10.98
N GLY A 59 -7.67 9.51 -11.45
CA GLY A 59 -8.47 9.68 -12.65
C GLY A 59 -7.62 9.95 -13.88
ZN ZN B . 0.29 -5.91 1.44
ZN ZN C . -10.49 -5.74 1.92
N GLY A 1 35.17 26.90 10.24
CA GLY A 1 35.01 25.46 10.13
C GLY A 1 33.71 24.97 10.72
N SER A 2 33.43 23.67 10.56
CA SER A 2 32.21 23.08 11.08
C SER A 2 32.32 21.56 11.11
N SER A 3 31.27 20.91 11.62
CA SER A 3 31.24 19.47 11.71
C SER A 3 29.92 18.91 11.19
N GLY A 4 30.01 17.99 10.23
CA GLY A 4 28.81 17.39 9.67
C GLY A 4 29.07 16.01 9.10
N SER A 5 28.00 15.28 8.81
CA SER A 5 28.11 13.94 8.25
C SER A 5 27.40 13.84 6.91
N SER A 6 27.94 13.03 6.02
CA SER A 6 27.37 12.85 4.69
C SER A 6 27.26 11.37 4.34
N GLY A 7 26.03 10.90 4.17
CA GLY A 7 25.81 9.50 3.83
C GLY A 7 24.44 9.25 3.23
N SER A 8 23.42 9.85 3.83
CA SER A 8 22.05 9.70 3.35
C SER A 8 21.61 8.23 3.44
N PRO A 9 21.87 7.60 4.59
CA PRO A 9 21.51 6.20 4.83
C PRO A 9 20.00 6.00 4.93
N GLU A 10 19.28 7.08 5.20
CA GLU A 10 17.83 7.02 5.32
C GLU A 10 17.18 6.71 3.97
N GLY A 11 15.86 6.55 3.98
CA GLY A 11 15.13 6.25 2.77
C GLY A 11 13.71 6.76 2.79
N GLN A 12 12.79 6.01 2.20
CA GLN A 12 11.39 6.39 2.16
C GLN A 12 10.51 5.30 2.74
N LYS A 13 9.99 5.53 3.94
CA LYS A 13 9.13 4.56 4.61
C LYS A 13 7.92 5.25 5.23
N VAL A 14 6.76 5.06 4.61
CA VAL A 14 5.53 5.66 5.11
C VAL A 14 4.35 4.69 5.01
N ASP A 15 3.96 4.11 6.13
CA ASP A 15 2.86 3.17 6.16
C ASP A 15 3.13 1.98 5.24
N HIS A 16 4.33 1.42 5.35
CA HIS A 16 4.71 0.27 4.52
C HIS A 16 4.06 -1.01 5.03
N CYS A 17 3.40 -1.73 4.13
CA CYS A 17 2.74 -2.98 4.50
C CYS A 17 3.73 -3.96 5.11
N ALA A 18 3.40 -4.45 6.31
CA ALA A 18 4.25 -5.40 7.01
C ALA A 18 4.15 -6.79 6.38
N ARG A 19 3.35 -6.91 5.33
CA ARG A 19 3.16 -8.18 4.64
C ARG A 19 3.91 -8.20 3.31
N HIS A 20 3.84 -7.08 2.59
CA HIS A 20 4.50 -6.96 1.29
C HIS A 20 5.57 -5.86 1.33
N GLY A 21 5.33 -4.85 2.15
CA GLY A 21 6.27 -3.74 2.25
C GLY A 21 5.84 -2.52 1.46
N GLU A 22 4.91 -2.72 0.53
CA GLU A 22 4.42 -1.62 -0.30
C GLU A 22 3.72 -0.58 0.56
N LYS A 23 3.90 0.69 0.21
CA LYS A 23 3.28 1.79 0.94
C LYS A 23 1.76 1.70 0.87
N LEU A 24 1.11 1.95 2.01
CA LEU A 24 -0.34 1.90 2.07
C LEU A 24 -0.95 3.27 1.76
N LEU A 25 -1.48 3.41 0.55
CA LEU A 25 -2.10 4.67 0.12
C LEU A 25 -3.57 4.47 -0.19
N LEU A 26 -4.02 3.22 -0.13
CA LEU A 26 -5.42 2.89 -0.40
C LEU A 26 -6.16 2.55 0.89
N PHE A 27 -7.48 2.60 0.83
CA PHE A 27 -8.32 2.28 1.99
C PHE A 27 -9.44 1.32 1.62
N CYS A 28 -9.35 0.10 2.12
CA CYS A 28 -10.37 -0.92 1.83
C CYS A 28 -11.66 -0.61 2.57
N GLN A 29 -12.79 -0.81 1.89
CA GLN A 29 -14.10 -0.56 2.47
C GLN A 29 -14.66 -1.82 3.12
N GLU A 30 -14.46 -2.96 2.46
CA GLU A 30 -14.95 -4.23 2.97
C GLU A 30 -14.35 -4.53 4.33
N ASP A 31 -13.07 -4.20 4.49
CA ASP A 31 -12.37 -4.43 5.75
C ASP A 31 -12.20 -3.14 6.53
N GLY A 32 -12.20 -2.02 5.82
CA GLY A 32 -12.03 -0.73 6.46
C GLY A 32 -10.61 -0.49 6.93
N LYS A 33 -9.66 -1.10 6.25
CA LYS A 33 -8.24 -0.96 6.61
C LYS A 33 -7.41 -0.62 5.38
N VAL A 34 -6.34 0.15 5.60
CA VAL A 34 -5.44 0.54 4.51
C VAL A 34 -4.64 -0.64 4.01
N ILE A 35 -4.66 -0.86 2.69
CA ILE A 35 -3.94 -1.96 2.08
C ILE A 35 -3.08 -1.47 0.91
N CYS A 36 -2.05 -2.24 0.58
CA CYS A 36 -1.16 -1.89 -0.52
C CYS A 36 -1.58 -2.60 -1.81
N TRP A 37 -0.85 -2.34 -2.88
CA TRP A 37 -1.14 -2.96 -4.18
C TRP A 37 -1.24 -4.48 -4.05
N LEU A 38 -0.17 -5.09 -3.57
CA LEU A 38 -0.14 -6.55 -3.41
C LEU A 38 -1.39 -7.04 -2.69
N CYS A 39 -1.85 -6.28 -1.70
CA CYS A 39 -3.04 -6.63 -0.94
C CYS A 39 -4.29 -6.46 -1.79
N GLU A 40 -4.49 -5.26 -2.31
CA GLU A 40 -5.65 -4.97 -3.14
C GLU A 40 -5.85 -6.04 -4.21
N ARG A 41 -4.74 -6.70 -4.58
CA ARG A 41 -4.79 -7.74 -5.60
C ARG A 41 -4.80 -9.12 -4.95
N SER A 42 -4.44 -9.18 -3.67
CA SER A 42 -4.40 -10.44 -2.94
C SER A 42 -5.78 -11.09 -2.93
N GLN A 43 -5.79 -12.43 -2.92
CA GLN A 43 -7.04 -13.18 -2.90
C GLN A 43 -7.90 -12.79 -1.71
N GLU A 44 -7.26 -12.24 -0.69
CA GLU A 44 -7.97 -11.81 0.51
C GLU A 44 -8.78 -10.55 0.26
N HIS A 45 -8.15 -9.55 -0.36
CA HIS A 45 -8.81 -8.29 -0.67
C HIS A 45 -9.23 -8.24 -2.13
N ARG A 46 -9.28 -9.41 -2.76
CA ARG A 46 -9.67 -9.50 -4.17
C ARG A 46 -11.08 -8.97 -4.38
N GLY A 47 -11.24 -8.06 -5.33
CA GLY A 47 -12.54 -7.49 -5.62
C GLY A 47 -12.89 -6.36 -4.67
N HIS A 48 -12.24 -6.33 -3.52
CA HIS A 48 -12.49 -5.29 -2.52
C HIS A 48 -12.16 -3.91 -3.08
N HIS A 49 -13.11 -2.99 -2.94
CA HIS A 49 -12.91 -1.63 -3.43
C HIS A 49 -12.13 -0.79 -2.41
N THR A 50 -11.09 -0.11 -2.89
CA THR A 50 -10.25 0.72 -2.03
C THR A 50 -10.21 2.15 -2.54
N PHE A 51 -9.90 3.08 -1.64
CA PHE A 51 -9.81 4.49 -2.00
C PHE A 51 -8.51 5.11 -1.51
N PRO A 52 -7.99 6.08 -2.27
CA PRO A 52 -6.74 6.76 -1.93
C PRO A 52 -6.87 7.66 -0.71
N THR A 53 -6.82 7.05 0.47
CA THR A 53 -6.94 7.80 1.72
C THR A 53 -5.77 8.76 1.90
N SER A 54 -4.59 8.35 1.41
CA SER A 54 -3.39 9.17 1.52
C SER A 54 -3.23 10.06 0.30
N GLY A 55 -3.20 9.43 -0.88
CA GLY A 55 -3.03 10.17 -2.11
C GLY A 55 -2.18 9.44 -3.13
N PRO A 56 -2.63 9.45 -4.40
CA PRO A 56 -1.91 8.78 -5.49
C PRO A 56 -0.60 9.48 -5.84
N SER A 57 0.51 8.78 -5.64
CA SER A 57 1.82 9.34 -5.93
C SER A 57 2.23 9.04 -7.37
N SER A 58 2.34 7.76 -7.69
CA SER A 58 2.72 7.33 -9.04
C SER A 58 1.49 6.98 -9.87
N GLY A 59 0.69 6.05 -9.36
CA GLY A 59 -0.50 5.63 -10.08
C GLY A 59 -1.74 6.35 -9.59
ZN ZN B . 0.18 -5.78 1.57
ZN ZN C . -10.58 -5.90 1.92
N GLY A 1 5.61 -15.27 -3.82
CA GLY A 1 6.34 -14.09 -4.25
C GLY A 1 7.72 -14.01 -3.61
N SER A 2 8.07 -12.81 -3.14
CA SER A 2 9.37 -12.60 -2.52
C SER A 2 9.22 -12.36 -1.02
N SER A 3 10.18 -12.86 -0.24
CA SER A 3 10.14 -12.70 1.21
C SER A 3 11.50 -12.26 1.73
N GLY A 4 11.56 -11.91 3.01
CA GLY A 4 12.80 -11.47 3.62
C GLY A 4 12.64 -11.13 5.09
N SER A 5 13.40 -10.15 5.56
CA SER A 5 13.34 -9.73 6.95
C SER A 5 12.59 -8.41 7.10
N SER A 6 12.37 -8.00 8.34
CA SER A 6 11.65 -6.76 8.61
C SER A 6 12.30 -6.00 9.77
N GLY A 7 12.41 -4.68 9.62
CA GLY A 7 13.01 -3.86 10.66
C GLY A 7 14.43 -3.45 10.32
N SER A 8 14.56 -2.43 9.49
CA SER A 8 15.87 -1.93 9.09
C SER A 8 16.05 -0.46 9.47
N PRO A 9 17.17 -0.15 10.12
CA PRO A 9 17.49 1.21 10.56
C PRO A 9 17.80 2.14 9.39
N GLU A 10 17.80 1.57 8.18
CA GLU A 10 18.08 2.35 6.98
C GLU A 10 16.89 2.32 6.02
N GLY A 11 16.14 3.42 5.97
CA GLY A 11 14.99 3.50 5.09
C GLY A 11 13.88 4.34 5.67
N GLN A 12 12.97 4.79 4.81
CA GLN A 12 11.85 5.61 5.25
C GLN A 12 10.58 4.78 5.40
N LYS A 13 10.24 4.43 6.63
CA LYS A 13 9.05 3.64 6.91
C LYS A 13 7.81 4.52 6.96
N VAL A 14 6.93 4.36 5.98
CA VAL A 14 5.69 5.13 5.92
C VAL A 14 4.51 4.25 5.53
N ASP A 15 3.71 3.89 6.52
CA ASP A 15 2.53 3.05 6.28
C ASP A 15 2.88 1.89 5.36
N HIS A 16 4.12 1.39 5.48
CA HIS A 16 4.56 0.28 4.65
C HIS A 16 3.98 -1.04 5.15
N CYS A 17 3.37 -1.79 4.24
CA CYS A 17 2.76 -3.07 4.59
C CYS A 17 3.79 -4.00 5.22
N ALA A 18 3.49 -4.49 6.42
CA ALA A 18 4.38 -5.40 7.13
C ALA A 18 4.38 -6.78 6.48
N ARG A 19 3.64 -6.93 5.39
CA ARG A 19 3.56 -8.20 4.68
C ARG A 19 4.22 -8.10 3.32
N HIS A 20 4.05 -6.96 2.66
CA HIS A 20 4.63 -6.74 1.33
C HIS A 20 5.62 -5.58 1.36
N GLY A 21 5.42 -4.66 2.29
CA GLY A 21 6.30 -3.51 2.42
C GLY A 21 5.85 -2.34 1.55
N GLU A 22 4.94 -2.62 0.62
CA GLU A 22 4.43 -1.58 -0.27
C GLU A 22 3.71 -0.49 0.52
N LYS A 23 3.92 0.76 0.11
CA LYS A 23 3.30 1.89 0.78
C LYS A 23 1.77 1.79 0.71
N LEU A 24 1.13 1.85 1.87
CA LEU A 24 -0.33 1.77 1.95
C LEU A 24 -0.96 3.11 1.61
N LEU A 25 -1.48 3.22 0.38
CA LEU A 25 -2.13 4.45 -0.07
C LEU A 25 -3.60 4.21 -0.40
N LEU A 26 -4.03 2.96 -0.23
CA LEU A 26 -5.42 2.60 -0.50
C LEU A 26 -6.15 2.24 0.79
N PHE A 27 -7.44 2.57 0.85
CA PHE A 27 -8.25 2.29 2.03
C PHE A 27 -9.40 1.35 1.67
N CYS A 28 -9.38 0.15 2.24
CA CYS A 28 -10.42 -0.84 2.00
C CYS A 28 -11.68 -0.51 2.78
N GLN A 29 -12.83 -0.62 2.12
CA GLN A 29 -14.11 -0.33 2.75
C GLN A 29 -14.71 -1.60 3.37
N GLU A 30 -14.57 -2.72 2.67
CA GLU A 30 -15.09 -3.99 3.14
C GLU A 30 -14.49 -4.37 4.48
N ASP A 31 -13.19 -4.10 4.63
CA ASP A 31 -12.48 -4.41 5.88
C ASP A 31 -12.23 -3.14 6.68
N GLY A 32 -12.25 -1.99 6.01
CA GLY A 32 -12.01 -0.73 6.68
C GLY A 32 -10.57 -0.56 7.10
N LYS A 33 -9.66 -1.15 6.33
CA LYS A 33 -8.23 -1.05 6.63
C LYS A 33 -7.44 -0.73 5.37
N VAL A 34 -6.34 0.00 5.54
CA VAL A 34 -5.49 0.37 4.41
C VAL A 34 -4.71 -0.82 3.89
N ILE A 35 -4.71 -1.00 2.58
CA ILE A 35 -4.00 -2.11 1.95
C ILE A 35 -3.15 -1.62 0.78
N CYS A 36 -2.09 -2.37 0.48
CA CYS A 36 -1.20 -2.02 -0.62
C CYS A 36 -1.55 -2.82 -1.88
N TRP A 37 -0.85 -2.53 -2.97
CA TRP A 37 -1.09 -3.22 -4.23
C TRP A 37 -1.14 -4.73 -4.02
N LEU A 38 -0.05 -5.30 -3.52
CA LEU A 38 0.03 -6.73 -3.28
C LEU A 38 -1.24 -7.23 -2.58
N CYS A 39 -1.70 -6.47 -1.61
CA CYS A 39 -2.91 -6.83 -0.87
C CYS A 39 -4.14 -6.75 -1.77
N GLU A 40 -4.39 -5.57 -2.32
CA GLU A 40 -5.53 -5.35 -3.19
C GLU A 40 -5.63 -6.47 -4.23
N ARG A 41 -4.49 -6.85 -4.80
CA ARG A 41 -4.45 -7.89 -5.81
C ARG A 41 -4.56 -9.27 -5.17
N SER A 42 -4.31 -9.34 -3.87
CA SER A 42 -4.39 -10.60 -3.14
C SER A 42 -5.82 -11.06 -2.99
N GLN A 43 -6.06 -12.34 -3.24
CA GLN A 43 -7.40 -12.92 -3.14
C GLN A 43 -8.06 -12.51 -1.82
N GLU A 44 -7.24 -12.10 -0.86
CA GLU A 44 -7.74 -11.69 0.46
C GLU A 44 -8.51 -10.38 0.36
N HIS A 45 -7.98 -9.45 -0.43
CA HIS A 45 -8.61 -8.14 -0.60
C HIS A 45 -9.00 -7.92 -2.06
N ARG A 46 -9.05 -9.01 -2.83
CA ARG A 46 -9.41 -8.93 -4.24
C ARG A 46 -10.89 -8.58 -4.40
N GLY A 47 -11.17 -7.71 -5.37
CA GLY A 47 -12.54 -7.30 -5.62
C GLY A 47 -13.00 -6.21 -4.67
N HIS A 48 -12.35 -6.13 -3.51
CA HIS A 48 -12.70 -5.12 -2.52
C HIS A 48 -12.46 -3.71 -3.05
N HIS A 49 -13.41 -2.82 -2.80
CA HIS A 49 -13.31 -1.44 -3.27
C HIS A 49 -12.43 -0.62 -2.33
N THR A 50 -11.34 -0.09 -2.87
CA THR A 50 -10.41 0.72 -2.08
C THR A 50 -10.30 2.13 -2.64
N PHE A 51 -10.06 3.09 -1.75
CA PHE A 51 -9.93 4.49 -2.15
C PHE A 51 -8.62 5.08 -1.64
N PRO A 52 -8.07 6.03 -2.41
CA PRO A 52 -6.80 6.70 -2.07
C PRO A 52 -6.96 7.64 -0.86
N THR A 53 -6.95 7.06 0.33
CA THR A 53 -7.08 7.84 1.56
C THR A 53 -5.90 8.78 1.75
N SER A 54 -4.71 8.32 1.35
CA SER A 54 -3.50 9.14 1.47
C SER A 54 -2.55 8.86 0.31
N GLY A 55 -2.34 9.88 -0.52
CA GLY A 55 -1.46 9.74 -1.65
C GLY A 55 -0.98 11.07 -2.20
N PRO A 56 0.25 11.10 -2.73
CA PRO A 56 0.83 12.32 -3.30
C PRO A 56 0.15 12.74 -4.59
N SER A 57 0.01 11.80 -5.52
CA SER A 57 -0.62 12.08 -6.80
C SER A 57 -1.96 11.36 -6.92
N SER A 58 -2.95 12.05 -7.47
CA SER A 58 -4.29 11.48 -7.63
C SER A 58 -4.33 10.55 -8.84
N GLY A 59 -3.77 11.00 -9.95
CA GLY A 59 -3.76 10.20 -11.16
C GLY A 59 -2.41 10.23 -11.86
ZN ZN B . 0.34 -5.80 1.60
ZN ZN C . -10.51 -5.81 1.85
N GLY A 1 6.32 -12.36 -12.21
CA GLY A 1 7.59 -12.98 -12.48
C GLY A 1 8.72 -12.39 -11.66
N SER A 2 9.44 -11.45 -12.25
CA SER A 2 10.56 -10.81 -11.57
C SER A 2 10.05 -9.78 -10.55
N SER A 3 10.71 -9.73 -9.39
CA SER A 3 10.33 -8.81 -8.33
C SER A 3 11.55 -8.12 -7.73
N GLY A 4 11.33 -6.99 -7.07
CA GLY A 4 12.42 -6.25 -6.47
C GLY A 4 12.42 -6.35 -4.96
N SER A 5 13.48 -5.84 -4.33
CA SER A 5 13.60 -5.88 -2.88
C SER A 5 12.60 -4.94 -2.23
N SER A 6 11.94 -5.42 -1.18
CA SER A 6 10.95 -4.63 -0.47
C SER A 6 11.58 -3.88 0.70
N GLY A 7 11.47 -2.56 0.69
CA GLY A 7 12.04 -1.76 1.76
C GLY A 7 13.48 -1.35 1.47
N SER A 8 13.73 -0.05 1.46
CA SER A 8 15.07 0.46 1.19
C SER A 8 15.39 1.65 2.10
N PRO A 9 16.69 1.85 2.38
CA PRO A 9 17.15 2.95 3.24
C PRO A 9 16.99 4.31 2.56
N GLU A 10 16.41 4.31 1.37
CA GLU A 10 16.20 5.55 0.63
C GLU A 10 14.72 5.77 0.35
N GLY A 11 14.11 6.67 1.11
CA GLY A 11 12.69 6.96 0.94
C GLY A 11 12.04 7.44 2.21
N GLN A 12 10.72 7.24 2.31
CA GLN A 12 9.97 7.66 3.49
C GLN A 12 9.02 6.56 3.94
N LYS A 13 9.32 5.98 5.11
CA LYS A 13 8.49 4.91 5.66
C LYS A 13 7.16 5.47 6.16
N VAL A 14 6.10 5.23 5.40
CA VAL A 14 4.77 5.70 5.77
C VAL A 14 3.72 4.61 5.56
N ASP A 15 3.31 3.98 6.65
CA ASP A 15 2.31 2.91 6.59
C ASP A 15 2.75 1.80 5.64
N HIS A 16 4.00 1.35 5.80
CA HIS A 16 4.54 0.30 4.95
C HIS A 16 3.93 -1.05 5.30
N CYS A 17 3.37 -1.72 4.30
CA CYS A 17 2.74 -3.01 4.50
C CYS A 17 3.73 -4.01 5.10
N ALA A 18 3.41 -4.50 6.30
CA ALA A 18 4.27 -5.46 6.98
C ALA A 18 4.26 -6.81 6.27
N ARG A 19 3.44 -6.92 5.22
CA ARG A 19 3.33 -8.15 4.46
C ARG A 19 4.20 -8.11 3.22
N HIS A 20 4.14 -6.98 2.49
CA HIS A 20 4.91 -6.81 1.28
C HIS A 20 5.90 -5.65 1.42
N GLY A 21 5.54 -4.68 2.26
CA GLY A 21 6.40 -3.52 2.46
C GLY A 21 5.93 -2.30 1.70
N GLU A 22 5.05 -2.52 0.73
CA GLU A 22 4.52 -1.42 -0.09
C GLU A 22 3.77 -0.42 0.78
N LYS A 23 3.91 0.86 0.45
CA LYS A 23 3.25 1.93 1.20
C LYS A 23 1.73 1.84 1.03
N LEU A 24 1.03 1.60 2.12
CA LEU A 24 -0.43 1.50 2.09
C LEU A 24 -1.06 2.85 1.78
N LEU A 25 -1.54 3.01 0.55
CA LEU A 25 -2.17 4.25 0.14
C LEU A 25 -3.64 4.03 -0.22
N LEU A 26 -4.07 2.77 -0.18
CA LEU A 26 -5.45 2.41 -0.50
C LEU A 26 -6.21 2.02 0.76
N PHE A 27 -7.35 2.67 0.99
CA PHE A 27 -8.17 2.38 2.14
C PHE A 27 -9.30 1.41 1.79
N CYS A 28 -9.19 0.18 2.29
CA CYS A 28 -10.19 -0.84 2.03
C CYS A 28 -11.47 -0.57 2.82
N GLN A 29 -12.60 -0.55 2.12
CA GLN A 29 -13.89 -0.31 2.76
C GLN A 29 -14.46 -1.60 3.35
N GLU A 30 -14.39 -2.68 2.58
CA GLU A 30 -14.89 -3.97 3.03
C GLU A 30 -14.32 -4.34 4.39
N ASP A 31 -13.04 -4.00 4.59
CA ASP A 31 -12.37 -4.30 5.85
C ASP A 31 -12.18 -3.04 6.68
N GLY A 32 -12.00 -1.91 5.99
CA GLY A 32 -11.80 -0.66 6.69
C GLY A 32 -10.35 -0.42 7.07
N LYS A 33 -9.44 -1.10 6.37
CA LYS A 33 -8.01 -0.96 6.64
C LYS A 33 -7.26 -0.56 5.37
N VAL A 34 -6.14 0.14 5.55
CA VAL A 34 -5.33 0.57 4.42
C VAL A 34 -4.50 -0.58 3.86
N ILE A 35 -4.85 -1.02 2.66
CA ILE A 35 -4.13 -2.10 2.01
C ILE A 35 -3.24 -1.60 0.88
N CYS A 36 -2.38 -2.47 0.36
CA CYS A 36 -1.47 -2.11 -0.72
C CYS A 36 -1.74 -2.96 -1.96
N TRP A 37 -1.28 -2.47 -3.11
CA TRP A 37 -1.47 -3.18 -4.36
C TRP A 37 -1.34 -4.69 -4.16
N LEU A 38 -0.23 -5.10 -3.58
CA LEU A 38 0.02 -6.53 -3.32
C LEU A 38 -1.16 -7.16 -2.60
N CYS A 39 -1.76 -6.40 -1.69
CA CYS A 39 -2.91 -6.90 -0.93
C CYS A 39 -4.20 -6.80 -1.76
N GLU A 40 -4.50 -5.59 -2.21
CA GLU A 40 -5.70 -5.36 -3.01
C GLU A 40 -5.80 -6.36 -4.15
N ARG A 41 -4.65 -6.68 -4.75
CA ARG A 41 -4.60 -7.63 -5.86
C ARG A 41 -4.70 -9.06 -5.35
N SER A 42 -4.37 -9.25 -4.08
CA SER A 42 -4.41 -10.58 -3.48
C SER A 42 -5.85 -11.03 -3.25
N GLN A 43 -6.08 -12.34 -3.38
CA GLN A 43 -7.42 -12.89 -3.20
C GLN A 43 -8.00 -12.48 -1.86
N GLU A 44 -7.13 -12.16 -0.91
CA GLU A 44 -7.57 -11.75 0.42
C GLU A 44 -8.39 -10.46 0.35
N HIS A 45 -7.93 -9.53 -0.47
CA HIS A 45 -8.61 -8.24 -0.63
C HIS A 45 -9.08 -8.06 -2.07
N ARG A 46 -9.05 -9.15 -2.84
CA ARG A 46 -9.49 -9.10 -4.24
C ARG A 46 -10.97 -8.76 -4.34
N GLY A 47 -11.30 -7.83 -5.23
CA GLY A 47 -12.67 -7.42 -5.41
C GLY A 47 -13.16 -6.51 -4.30
N HIS A 48 -12.23 -5.98 -3.52
CA HIS A 48 -12.57 -5.09 -2.41
C HIS A 48 -12.46 -3.63 -2.83
N HIS A 49 -13.45 -2.83 -2.45
CA HIS A 49 -13.47 -1.41 -2.79
C HIS A 49 -12.30 -0.68 -2.13
N THR A 50 -11.43 -0.11 -2.95
CA THR A 50 -10.27 0.62 -2.45
C THR A 50 -10.22 2.04 -3.01
N PHE A 51 -9.82 2.99 -2.17
CA PHE A 51 -9.73 4.38 -2.58
C PHE A 51 -8.49 5.05 -1.98
N PRO A 52 -7.91 5.99 -2.73
CA PRO A 52 -6.71 6.71 -2.30
C PRO A 52 -7.00 7.68 -1.16
N THR A 53 -7.03 7.15 0.07
CA THR A 53 -7.29 7.96 1.25
C THR A 53 -6.20 9.00 1.45
N SER A 54 -4.96 8.60 1.25
CA SER A 54 -3.82 9.50 1.42
C SER A 54 -3.37 10.06 0.08
N GLY A 55 -3.28 9.20 -0.93
CA GLY A 55 -2.86 9.63 -2.25
C GLY A 55 -1.36 9.79 -2.36
N PRO A 56 -0.86 9.87 -3.60
CA PRO A 56 0.58 10.03 -3.87
C PRO A 56 1.09 11.41 -3.46
N SER A 57 2.13 11.42 -2.63
CA SER A 57 2.72 12.66 -2.16
C SER A 57 4.06 12.93 -2.85
N SER A 58 4.31 12.20 -3.94
CA SER A 58 5.55 12.36 -4.68
C SER A 58 5.38 13.37 -5.82
N GLY A 59 4.32 13.20 -6.60
CA GLY A 59 4.07 14.11 -7.70
C GLY A 59 3.04 13.57 -8.67
ZN ZN B . 0.45 -5.81 1.30
ZN ZN C . -10.31 -5.79 1.87
N GLY A 1 26.80 -4.29 -11.65
CA GLY A 1 26.37 -5.34 -10.75
C GLY A 1 25.03 -5.05 -10.12
N SER A 2 24.62 -5.91 -9.18
CA SER A 2 23.34 -5.74 -8.50
C SER A 2 23.20 -4.32 -7.94
N SER A 3 24.23 -3.89 -7.22
CA SER A 3 24.21 -2.55 -6.62
C SER A 3 24.39 -1.48 -7.68
N GLY A 4 24.14 -0.23 -7.31
CA GLY A 4 24.27 0.87 -8.25
C GLY A 4 24.04 2.22 -7.60
N SER A 5 23.99 3.26 -8.41
CA SER A 5 23.77 4.62 -7.90
C SER A 5 22.31 4.83 -7.54
N SER A 6 22.07 5.50 -6.42
CA SER A 6 20.72 5.77 -5.96
C SER A 6 20.67 7.02 -5.09
N GLY A 7 19.71 7.90 -5.37
CA GLY A 7 19.57 9.13 -4.61
C GLY A 7 19.39 8.88 -3.13
N SER A 8 18.31 8.18 -2.78
CA SER A 8 18.02 7.87 -1.38
C SER A 8 17.91 6.37 -1.17
N PRO A 9 18.85 5.80 -0.39
CA PRO A 9 18.87 4.36 -0.09
C PRO A 9 17.73 3.95 0.83
N GLU A 10 17.19 4.91 1.57
CA GLU A 10 16.10 4.64 2.49
C GLU A 10 14.91 5.56 2.22
N GLY A 11 13.87 5.00 1.63
CA GLY A 11 12.68 5.78 1.32
C GLY A 11 11.82 6.05 2.53
N GLN A 12 11.14 7.19 2.54
CA GLN A 12 10.29 7.57 3.66
C GLN A 12 9.18 6.54 3.85
N LYS A 13 9.35 5.68 4.85
CA LYS A 13 8.37 4.65 5.16
C LYS A 13 7.07 5.27 5.67
N VAL A 14 6.04 5.26 4.84
CA VAL A 14 4.74 5.82 5.21
C VAL A 14 3.64 4.78 5.06
N ASP A 15 3.21 4.21 6.18
CA ASP A 15 2.15 3.21 6.17
C ASP A 15 2.51 2.05 5.23
N HIS A 16 3.73 1.54 5.37
CA HIS A 16 4.20 0.44 4.54
C HIS A 16 3.69 -0.90 5.09
N CYS A 17 3.11 -1.71 4.22
CA CYS A 17 2.60 -3.01 4.61
C CYS A 17 3.70 -3.88 5.21
N ALA A 18 3.51 -4.29 6.46
CA ALA A 18 4.49 -5.13 7.14
C ALA A 18 4.54 -6.53 6.53
N ARG A 19 3.56 -6.84 5.68
CA ARG A 19 3.49 -8.13 5.04
C ARG A 19 4.28 -8.14 3.73
N HIS A 20 3.93 -7.21 2.84
CA HIS A 20 4.60 -7.11 1.54
C HIS A 20 5.69 -6.03 1.58
N GLY A 21 5.36 -4.89 2.20
CA GLY A 21 6.32 -3.81 2.28
C GLY A 21 5.96 -2.63 1.39
N GLU A 22 4.89 -2.80 0.62
CA GLU A 22 4.44 -1.74 -0.28
C GLU A 22 3.78 -0.60 0.50
N LYS A 23 3.85 0.60 -0.06
CA LYS A 23 3.26 1.78 0.59
C LYS A 23 1.73 1.71 0.54
N LEU A 24 1.12 1.79 1.72
CA LEU A 24 -0.33 1.73 1.83
C LEU A 24 -0.95 3.10 1.53
N LEU A 25 -1.52 3.23 0.34
CA LEU A 25 -2.15 4.50 -0.07
C LEU A 25 -3.64 4.30 -0.31
N LEU A 26 -4.09 3.05 -0.27
CA LEU A 26 -5.50 2.74 -0.48
C LEU A 26 -6.19 2.41 0.83
N PHE A 27 -7.51 2.56 0.85
CA PHE A 27 -8.29 2.27 2.06
C PHE A 27 -9.46 1.34 1.73
N CYS A 28 -9.38 0.12 2.23
CA CYS A 28 -10.44 -0.87 2.00
C CYS A 28 -11.68 -0.54 2.81
N GLN A 29 -12.85 -0.67 2.18
CA GLN A 29 -14.11 -0.38 2.83
C GLN A 29 -14.69 -1.64 3.47
N GLU A 30 -14.58 -2.76 2.76
CA GLU A 30 -15.09 -4.02 3.26
C GLU A 30 -14.45 -4.39 4.60
N ASP A 31 -13.15 -4.16 4.70
CA ASP A 31 -12.41 -4.46 5.93
C ASP A 31 -12.16 -3.20 6.73
N GLY A 32 -12.15 -2.05 6.05
CA GLY A 32 -11.91 -0.79 6.72
C GLY A 32 -10.47 -0.61 7.13
N LYS A 33 -9.56 -1.23 6.37
CA LYS A 33 -8.13 -1.13 6.66
C LYS A 33 -7.34 -0.82 5.39
N VAL A 34 -6.29 -0.03 5.53
CA VAL A 34 -5.45 0.34 4.41
C VAL A 34 -4.69 -0.87 3.87
N ILE A 35 -4.67 -1.03 2.56
CA ILE A 35 -3.99 -2.14 1.93
C ILE A 35 -3.10 -1.66 0.77
N CYS A 36 -2.05 -2.42 0.48
CA CYS A 36 -1.12 -2.07 -0.59
C CYS A 36 -1.51 -2.78 -1.88
N TRP A 37 -0.75 -2.51 -2.94
CA TRP A 37 -1.01 -3.12 -4.24
C TRP A 37 -1.05 -4.63 -4.12
N LEU A 38 -0.07 -5.20 -3.42
CA LEU A 38 0.00 -6.64 -3.23
C LEU A 38 -1.27 -7.17 -2.58
N CYS A 39 -1.71 -6.51 -1.51
CA CYS A 39 -2.90 -6.91 -0.80
C CYS A 39 -4.14 -6.79 -1.68
N GLU A 40 -4.41 -5.58 -2.16
CA GLU A 40 -5.56 -5.32 -3.02
C GLU A 40 -5.65 -6.39 -4.11
N ARG A 41 -4.53 -6.66 -4.77
CA ARG A 41 -4.48 -7.64 -5.83
C ARG A 41 -4.62 -9.06 -5.28
N SER A 42 -4.30 -9.22 -4.00
CA SER A 42 -4.39 -10.52 -3.34
C SER A 42 -5.84 -10.92 -3.13
N GLN A 43 -6.16 -12.17 -3.47
CA GLN A 43 -7.52 -12.68 -3.32
C GLN A 43 -8.11 -12.25 -1.98
N GLU A 44 -7.26 -12.10 -0.98
CA GLU A 44 -7.69 -11.69 0.34
C GLU A 44 -8.46 -10.37 0.29
N HIS A 45 -7.93 -9.42 -0.48
CA HIS A 45 -8.56 -8.12 -0.62
C HIS A 45 -8.97 -7.86 -2.06
N ARG A 46 -8.86 -8.90 -2.90
CA ARG A 46 -9.22 -8.79 -4.30
C ARG A 46 -10.70 -8.50 -4.48
N GLY A 47 -11.03 -7.60 -5.40
CA GLY A 47 -12.41 -7.23 -5.64
C GLY A 47 -12.92 -6.19 -4.67
N HIS A 48 -12.28 -6.10 -3.51
CA HIS A 48 -12.67 -5.14 -2.49
C HIS A 48 -12.47 -3.71 -3.00
N HIS A 49 -13.46 -2.85 -2.73
CA HIS A 49 -13.40 -1.46 -3.16
C HIS A 49 -12.51 -0.64 -2.23
N THR A 50 -11.41 -0.13 -2.76
CA THR A 50 -10.47 0.66 -1.98
C THR A 50 -10.36 2.09 -2.52
N PHE A 51 -10.03 3.02 -1.65
CA PHE A 51 -9.90 4.43 -2.05
C PHE A 51 -8.54 4.98 -1.62
N PRO A 52 -8.00 5.91 -2.43
CA PRO A 52 -6.70 6.53 -2.15
C PRO A 52 -6.76 7.48 -0.95
N THR A 53 -6.70 6.90 0.25
CA THR A 53 -6.74 7.69 1.47
C THR A 53 -5.53 8.60 1.57
N SER A 54 -4.39 8.14 1.08
CA SER A 54 -3.16 8.91 1.12
C SER A 54 -2.73 9.32 -0.28
N GLY A 55 -2.96 8.45 -1.26
CA GLY A 55 -2.59 8.74 -2.63
C GLY A 55 -3.27 9.97 -3.16
N PRO A 56 -3.49 10.01 -4.49
CA PRO A 56 -4.14 11.15 -5.15
C PRO A 56 -5.63 11.25 -4.81
N SER A 57 -6.29 12.26 -5.35
CA SER A 57 -7.71 12.48 -5.09
C SER A 57 -7.98 12.55 -3.60
N SER A 58 -7.11 13.24 -2.88
CA SER A 58 -7.25 13.39 -1.43
C SER A 58 -8.31 14.44 -1.10
N GLY A 59 -9.06 14.20 -0.02
CA GLY A 59 -10.08 15.14 0.39
C GLY A 59 -11.48 14.68 0.00
ZN ZN B . 0.24 -5.95 1.74
ZN ZN C . -10.48 -5.83 1.86
N GLY A 1 9.30 25.35 -15.82
CA GLY A 1 9.17 25.18 -14.38
C GLY A 1 10.51 25.14 -13.68
N SER A 2 10.48 25.00 -12.36
CA SER A 2 11.69 24.97 -11.56
C SER A 2 12.43 23.64 -11.75
N SER A 3 13.75 23.72 -11.88
CA SER A 3 14.58 22.53 -12.08
C SER A 3 14.85 21.83 -10.75
N GLY A 4 15.10 20.52 -10.83
CA GLY A 4 15.37 19.76 -9.62
C GLY A 4 14.19 19.74 -8.66
N SER A 5 13.85 18.56 -8.16
CA SER A 5 12.75 18.41 -7.24
C SER A 5 13.02 19.13 -5.92
N SER A 6 11.96 19.60 -5.28
CA SER A 6 12.09 20.31 -4.01
C SER A 6 11.99 19.35 -2.83
N GLY A 7 12.16 18.06 -3.11
CA GLY A 7 12.08 17.06 -2.07
C GLY A 7 13.25 16.09 -2.11
N SER A 8 12.93 14.79 -2.11
CA SER A 8 13.96 13.76 -2.15
C SER A 8 13.57 12.64 -3.10
N PRO A 9 14.54 12.17 -3.90
CA PRO A 9 14.32 11.09 -4.87
C PRO A 9 14.09 9.75 -4.19
N GLU A 10 14.04 9.76 -2.86
CA GLU A 10 13.82 8.53 -2.10
C GLU A 10 12.54 8.63 -1.27
N GLY A 11 11.99 7.46 -0.91
CA GLY A 11 10.78 7.44 -0.11
C GLY A 11 11.04 7.06 1.33
N GLN A 12 10.24 7.63 2.23
CA GLN A 12 10.39 7.35 3.65
C GLN A 12 9.31 6.39 4.14
N LYS A 13 9.63 5.62 5.18
CA LYS A 13 8.67 4.67 5.74
C LYS A 13 7.38 5.36 6.14
N VAL A 14 6.32 5.11 5.37
CA VAL A 14 5.02 5.70 5.63
C VAL A 14 3.90 4.70 5.40
N ASP A 15 3.37 4.14 6.47
CA ASP A 15 2.30 3.17 6.39
C ASP A 15 2.65 2.04 5.42
N HIS A 16 3.85 1.50 5.58
CA HIS A 16 4.32 0.41 4.72
C HIS A 16 3.80 -0.93 5.21
N CYS A 17 3.24 -1.71 4.30
CA CYS A 17 2.70 -3.03 4.64
C CYS A 17 3.79 -3.93 5.20
N ALA A 18 3.58 -4.41 6.43
CA ALA A 18 4.55 -5.29 7.08
C ALA A 18 4.52 -6.68 6.46
N ARG A 19 3.59 -6.90 5.53
CA ARG A 19 3.46 -8.19 4.87
C ARG A 19 4.19 -8.19 3.53
N HIS A 20 4.01 -7.12 2.76
CA HIS A 20 4.65 -6.99 1.46
C HIS A 20 5.72 -5.90 1.48
N GLY A 21 5.44 -4.83 2.20
CA GLY A 21 6.38 -3.72 2.28
C GLY A 21 6.05 -2.59 1.33
N GLU A 22 4.87 -2.68 0.71
CA GLU A 22 4.43 -1.66 -0.23
C GLU A 22 3.76 -0.49 0.51
N LYS A 23 4.01 0.73 0.03
CA LYS A 23 3.43 1.91 0.64
C LYS A 23 1.90 1.86 0.60
N LEU A 24 1.29 1.92 1.77
CA LEU A 24 -0.17 1.87 1.89
C LEU A 24 -0.78 3.22 1.54
N LEU A 25 -1.31 3.33 0.32
CA LEU A 25 -1.93 4.57 -0.14
C LEU A 25 -3.42 4.36 -0.43
N LEU A 26 -3.91 3.17 -0.13
CA LEU A 26 -5.31 2.84 -0.36
C LEU A 26 -6.03 2.57 0.96
N PHE A 27 -7.35 2.49 0.89
CA PHE A 27 -8.16 2.24 2.08
C PHE A 27 -9.36 1.36 1.75
N CYS A 28 -9.29 0.09 2.15
CA CYS A 28 -10.37 -0.85 1.88
C CYS A 28 -11.62 -0.48 2.67
N GLN A 29 -12.78 -0.54 2.01
CA GLN A 29 -14.05 -0.21 2.65
C GLN A 29 -14.68 -1.45 3.27
N GLU A 30 -14.50 -2.60 2.61
CA GLU A 30 -15.06 -3.86 3.10
C GLU A 30 -14.45 -4.23 4.45
N ASP A 31 -13.16 -3.94 4.61
CA ASP A 31 -12.46 -4.26 5.85
C ASP A 31 -12.17 -2.99 6.65
N GLY A 32 -12.14 -1.85 5.95
CA GLY A 32 -11.87 -0.59 6.61
C GLY A 32 -10.43 -0.46 7.05
N LYS A 33 -9.52 -1.06 6.28
CA LYS A 33 -8.10 -1.01 6.59
C LYS A 33 -7.28 -0.71 5.35
N VAL A 34 -6.21 0.06 5.52
CA VAL A 34 -5.33 0.42 4.41
C VAL A 34 -4.61 -0.81 3.86
N ILE A 35 -4.64 -0.96 2.55
CA ILE A 35 -3.98 -2.09 1.89
C ILE A 35 -3.10 -1.62 0.74
N CYS A 36 -2.04 -2.37 0.46
CA CYS A 36 -1.12 -2.03 -0.61
C CYS A 36 -1.47 -2.80 -1.89
N TRP A 37 -0.71 -2.56 -2.94
CA TRP A 37 -0.94 -3.22 -4.22
C TRP A 37 -1.08 -4.73 -4.03
N LEU A 38 -0.02 -5.35 -3.51
CA LEU A 38 -0.03 -6.79 -3.28
C LEU A 38 -1.32 -7.24 -2.59
N CYS A 39 -1.71 -6.51 -1.54
CA CYS A 39 -2.92 -6.83 -0.81
C CYS A 39 -4.14 -6.76 -1.72
N GLU A 40 -4.23 -5.70 -2.51
CA GLU A 40 -5.34 -5.52 -3.43
C GLU A 40 -5.35 -6.62 -4.49
N ARG A 41 -4.17 -7.00 -4.97
CA ARG A 41 -4.05 -8.03 -5.98
C ARG A 41 -4.06 -9.42 -5.35
N SER A 42 -4.51 -9.50 -4.10
CA SER A 42 -4.57 -10.76 -3.37
C SER A 42 -6.01 -11.14 -3.04
N GLN A 43 -6.41 -12.35 -3.43
CA GLN A 43 -7.76 -12.81 -3.17
C GLN A 43 -8.28 -12.31 -1.83
N GLU A 44 -7.36 -12.13 -0.88
CA GLU A 44 -7.71 -11.66 0.45
C GLU A 44 -8.56 -10.39 0.37
N HIS A 45 -8.10 -9.44 -0.45
CA HIS A 45 -8.82 -8.18 -0.62
C HIS A 45 -9.26 -8.00 -2.07
N ARG A 46 -8.91 -8.97 -2.91
CA ARG A 46 -9.28 -8.92 -4.32
C ARG A 46 -10.78 -8.72 -4.49
N GLY A 47 -11.16 -7.77 -5.34
CA GLY A 47 -12.57 -7.50 -5.57
C GLY A 47 -13.10 -6.40 -4.66
N HIS A 48 -12.48 -6.25 -3.50
CA HIS A 48 -12.90 -5.24 -2.53
C HIS A 48 -12.71 -3.83 -3.11
N HIS A 49 -13.50 -2.88 -2.62
CA HIS A 49 -13.41 -1.50 -3.07
C HIS A 49 -12.44 -0.71 -2.21
N THR A 50 -11.39 -0.19 -2.85
CA THR A 50 -10.38 0.59 -2.14
C THR A 50 -10.44 2.07 -2.55
N PHE A 51 -10.12 2.94 -1.61
CA PHE A 51 -10.14 4.38 -1.86
C PHE A 51 -8.84 5.03 -1.40
N PRO A 52 -8.38 6.04 -2.17
CA PRO A 52 -7.15 6.76 -1.85
C PRO A 52 -7.29 7.64 -0.62
N THR A 53 -7.15 7.04 0.56
CA THR A 53 -7.26 7.77 1.81
C THR A 53 -6.16 8.82 1.94
N SER A 54 -4.99 8.50 1.40
CA SER A 54 -3.85 9.42 1.45
C SER A 54 -3.54 9.99 0.07
N GLY A 55 -3.68 9.15 -0.95
CA GLY A 55 -3.40 9.59 -2.31
C GLY A 55 -2.57 8.60 -3.08
N PRO A 56 -2.94 8.35 -4.34
CA PRO A 56 -2.22 7.42 -5.21
C PRO A 56 -0.85 7.94 -5.62
N SER A 57 0.08 7.02 -5.82
CA SER A 57 1.45 7.39 -6.21
C SER A 57 1.49 7.87 -7.66
N SER A 58 0.92 7.07 -8.56
CA SER A 58 0.88 7.42 -9.97
C SER A 58 -0.38 6.89 -10.63
N GLY A 59 -1.00 7.74 -11.45
CA GLY A 59 -2.22 7.34 -12.14
C GLY A 59 -1.95 6.46 -13.34
ZN ZN B . 0.29 -5.93 1.73
ZN ZN C . -10.63 -5.79 1.83
N GLY A 1 18.65 -8.92 1.23
CA GLY A 1 19.48 -10.06 0.90
C GLY A 1 18.74 -11.38 1.05
N SER A 2 18.06 -11.54 2.18
CA SER A 2 17.32 -12.77 2.46
C SER A 2 16.04 -12.82 1.63
N SER A 3 15.16 -11.86 1.86
CA SER A 3 13.89 -11.79 1.15
C SER A 3 13.87 -10.62 0.17
N GLY A 4 13.13 -10.77 -0.93
CA GLY A 4 13.06 -9.72 -1.92
C GLY A 4 11.62 -9.32 -2.24
N SER A 5 11.24 -9.47 -3.50
CA SER A 5 9.89 -9.12 -3.93
C SER A 5 9.55 -7.68 -3.57
N SER A 6 10.52 -6.78 -3.78
CA SER A 6 10.33 -5.37 -3.46
C SER A 6 11.37 -4.51 -4.17
N GLY A 7 11.09 -3.22 -4.28
CA GLY A 7 12.03 -2.31 -4.94
C GLY A 7 13.31 -2.13 -4.14
N SER A 8 13.75 -0.88 -4.04
CA SER A 8 14.98 -0.56 -3.31
C SER A 8 14.68 -0.30 -1.83
N PRO A 9 15.67 -0.57 -0.98
CA PRO A 9 15.54 -0.36 0.47
C PRO A 9 15.48 1.11 0.85
N GLU A 10 15.90 1.98 -0.07
CA GLU A 10 15.89 3.42 0.15
C GLU A 10 14.55 4.03 -0.25
N GLY A 11 13.92 4.73 0.69
CA GLY A 11 12.64 5.35 0.41
C GLY A 11 11.91 5.76 1.67
N GLN A 12 11.28 6.93 1.64
CA GLN A 12 10.54 7.43 2.80
C GLN A 12 9.51 6.42 3.26
N LYS A 13 9.82 5.73 4.36
CA LYS A 13 8.91 4.73 4.92
C LYS A 13 7.67 5.39 5.50
N VAL A 14 6.53 5.18 4.82
CA VAL A 14 5.27 5.75 5.27
C VAL A 14 4.12 4.76 5.09
N ASP A 15 3.62 4.23 6.19
CA ASP A 15 2.52 3.27 6.15
C ASP A 15 2.87 2.07 5.27
N HIS A 16 4.08 1.55 5.46
CA HIS A 16 4.55 0.40 4.69
C HIS A 16 3.87 -0.89 5.17
N CYS A 17 3.31 -1.64 4.22
CA CYS A 17 2.64 -2.88 4.54
C CYS A 17 3.59 -3.86 5.24
N ALA A 18 3.18 -4.35 6.40
CA ALA A 18 3.99 -5.29 7.17
C ALA A 18 3.94 -6.69 6.56
N ARG A 19 3.15 -6.83 5.49
CA ARG A 19 3.02 -8.11 4.81
C ARG A 19 3.95 -8.18 3.60
N HIS A 20 3.99 -7.11 2.83
CA HIS A 20 4.84 -7.06 1.63
C HIS A 20 5.88 -5.94 1.77
N GLY A 21 5.48 -4.83 2.37
CA GLY A 21 6.38 -3.71 2.54
C GLY A 21 5.98 -2.51 1.70
N GLU A 22 5.10 -2.73 0.74
CA GLU A 22 4.64 -1.65 -0.13
C GLU A 22 3.84 -0.62 0.65
N LYS A 23 4.02 0.65 0.30
CA LYS A 23 3.32 1.74 0.97
C LYS A 23 1.81 1.58 0.81
N LEU A 24 1.07 1.89 1.88
CA LEU A 24 -0.39 1.78 1.86
C LEU A 24 -1.02 3.12 1.50
N LEU A 25 -1.46 3.24 0.26
CA LEU A 25 -2.09 4.46 -0.23
C LEU A 25 -3.58 4.25 -0.48
N LEU A 26 -4.02 3.01 -0.32
CA LEU A 26 -5.43 2.67 -0.53
C LEU A 26 -6.12 2.37 0.79
N PHE A 27 -7.44 2.48 0.81
CA PHE A 27 -8.22 2.22 2.01
C PHE A 27 -9.40 1.29 1.71
N CYS A 28 -9.32 0.07 2.22
CA CYS A 28 -10.38 -0.92 2.00
C CYS A 28 -11.62 -0.57 2.83
N GLN A 29 -12.79 -0.67 2.21
CA GLN A 29 -14.04 -0.38 2.88
C GLN A 29 -14.63 -1.64 3.52
N GLU A 30 -14.50 -2.76 2.81
CA GLU A 30 -15.02 -4.02 3.31
C GLU A 30 -14.38 -4.40 4.64
N ASP A 31 -13.08 -4.12 4.75
CA ASP A 31 -12.33 -4.42 5.97
C ASP A 31 -12.07 -3.16 6.78
N GLY A 32 -12.10 -2.02 6.10
CA GLY A 32 -11.86 -0.75 6.77
C GLY A 32 -10.41 -0.58 7.18
N LYS A 33 -9.50 -1.19 6.42
CA LYS A 33 -8.08 -1.11 6.72
C LYS A 33 -7.28 -0.77 5.46
N VAL A 34 -6.25 0.05 5.61
CA VAL A 34 -5.41 0.46 4.49
C VAL A 34 -4.62 -0.73 3.95
N ILE A 35 -4.69 -0.94 2.64
CA ILE A 35 -3.97 -2.03 2.00
C ILE A 35 -3.11 -1.53 0.84
N CYS A 36 -2.10 -2.31 0.49
CA CYS A 36 -1.21 -1.94 -0.60
C CYS A 36 -1.57 -2.70 -1.88
N TRP A 37 -0.83 -2.43 -2.95
CA TRP A 37 -1.07 -3.08 -4.23
C TRP A 37 -1.12 -4.59 -4.07
N LEU A 38 -0.02 -5.16 -3.60
CA LEU A 38 0.07 -6.61 -3.39
C LEU A 38 -1.17 -7.14 -2.70
N CYS A 39 -1.64 -6.40 -1.68
CA CYS A 39 -2.82 -6.80 -0.94
C CYS A 39 -4.07 -6.74 -1.81
N GLU A 40 -4.38 -5.53 -2.29
CA GLU A 40 -5.56 -5.33 -3.14
C GLU A 40 -5.62 -6.39 -4.24
N ARG A 41 -4.48 -6.64 -4.87
CA ARG A 41 -4.39 -7.63 -5.95
C ARG A 41 -4.53 -9.04 -5.39
N SER A 42 -4.28 -9.19 -4.10
CA SER A 42 -4.35 -10.49 -3.45
C SER A 42 -5.81 -10.93 -3.31
N GLN A 43 -6.06 -12.22 -3.57
CA GLN A 43 -7.41 -12.76 -3.47
C GLN A 43 -8.01 -12.49 -2.09
N GLU A 44 -7.16 -12.07 -1.15
CA GLU A 44 -7.61 -11.78 0.21
C GLU A 44 -8.40 -10.48 0.24
N HIS A 45 -7.94 -9.49 -0.53
CA HIS A 45 -8.60 -8.19 -0.59
C HIS A 45 -9.11 -7.90 -1.99
N ARG A 46 -8.95 -8.87 -2.89
CA ARG A 46 -9.41 -8.72 -4.26
C ARG A 46 -10.91 -8.47 -4.32
N GLY A 47 -11.33 -7.65 -5.27
CA GLY A 47 -12.74 -7.35 -5.42
C GLY A 47 -13.20 -6.26 -4.47
N HIS A 48 -12.54 -6.15 -3.33
CA HIS A 48 -12.89 -5.14 -2.33
C HIS A 48 -12.68 -3.74 -2.88
N HIS A 49 -13.66 -2.87 -2.67
CA HIS A 49 -13.58 -1.49 -3.15
C HIS A 49 -12.61 -0.68 -2.30
N THR A 50 -11.51 -0.27 -2.92
CA THR A 50 -10.49 0.52 -2.21
C THR A 50 -10.44 1.95 -2.75
N PHE A 51 -10.01 2.87 -1.90
CA PHE A 51 -9.91 4.28 -2.29
C PHE A 51 -8.61 4.89 -1.79
N PRO A 52 -8.07 5.84 -2.56
CA PRO A 52 -6.81 6.53 -2.22
C PRO A 52 -6.97 7.45 -1.02
N THR A 53 -6.74 6.90 0.18
CA THR A 53 -6.84 7.67 1.41
C THR A 53 -5.59 8.50 1.65
N SER A 54 -4.44 7.96 1.25
CA SER A 54 -3.16 8.65 1.43
C SER A 54 -2.55 9.01 0.09
N GLY A 55 -2.73 8.13 -0.89
CA GLY A 55 -2.18 8.38 -2.21
C GLY A 55 -3.12 7.93 -3.32
N PRO A 56 -3.18 8.71 -4.41
CA PRO A 56 -4.04 8.41 -5.55
C PRO A 56 -3.56 7.19 -6.34
N SER A 57 -4.50 6.35 -6.74
CA SER A 57 -4.17 5.13 -7.48
C SER A 57 -4.96 5.08 -8.79
N SER A 58 -4.32 4.59 -9.85
CA SER A 58 -4.95 4.49 -11.15
C SER A 58 -4.50 3.23 -11.87
N GLY A 59 -5.30 2.77 -12.84
CA GLY A 59 -4.97 1.58 -13.59
C GLY A 59 -5.76 1.47 -14.88
ZN ZN B . 0.36 -5.81 1.49
ZN ZN C . -10.45 -5.84 1.87
N GLY A 1 18.75 -14.83 -8.74
CA GLY A 1 17.92 -13.66 -8.90
C GLY A 1 18.72 -12.38 -8.97
N SER A 2 18.26 -11.35 -8.27
CA SER A 2 18.94 -10.05 -8.27
C SER A 2 20.05 -10.04 -7.21
N SER A 3 20.87 -9.00 -7.26
CA SER A 3 21.98 -8.86 -6.32
C SER A 3 21.47 -8.47 -4.93
N GLY A 4 21.78 -9.29 -3.94
CA GLY A 4 21.35 -9.01 -2.58
C GLY A 4 22.15 -7.91 -1.93
N SER A 5 21.95 -7.72 -0.63
CA SER A 5 22.66 -6.68 0.11
C SER A 5 22.40 -5.31 -0.50
N SER A 6 21.16 -5.06 -0.89
CA SER A 6 20.79 -3.79 -1.49
C SER A 6 19.85 -3.00 -0.59
N GLY A 7 20.28 -1.82 -0.16
CA GLY A 7 19.45 -1.00 0.70
C GLY A 7 20.17 0.25 1.17
N SER A 8 19.42 1.23 1.66
CA SER A 8 19.99 2.47 2.14
C SER A 8 19.39 2.87 3.47
N PRO A 9 20.16 3.63 4.28
CA PRO A 9 19.73 4.09 5.59
C PRO A 9 18.61 5.14 5.50
N GLU A 10 18.41 5.68 4.30
CA GLU A 10 17.38 6.68 4.08
C GLU A 10 16.27 6.14 3.19
N GLY A 11 15.03 6.30 3.64
CA GLY A 11 13.90 5.82 2.88
C GLY A 11 12.57 6.26 3.47
N GLN A 12 11.75 6.94 2.65
CA GLN A 12 10.45 7.42 3.10
C GLN A 12 9.58 6.25 3.56
N LYS A 13 9.38 6.16 4.88
CA LYS A 13 8.57 5.10 5.46
C LYS A 13 7.24 5.65 5.98
N VAL A 14 6.16 5.37 5.26
CA VAL A 14 4.84 5.84 5.66
C VAL A 14 3.79 4.75 5.46
N ASP A 15 3.40 4.11 6.55
CA ASP A 15 2.40 3.04 6.50
C ASP A 15 2.85 1.93 5.56
N HIS A 16 4.09 1.48 5.72
CA HIS A 16 4.64 0.42 4.89
C HIS A 16 4.07 -0.94 5.30
N CYS A 17 3.47 -1.64 4.33
CA CYS A 17 2.88 -2.94 4.60
C CYS A 17 3.91 -3.90 5.17
N ALA A 18 3.61 -4.46 6.34
CA ALA A 18 4.52 -5.39 6.99
C ALA A 18 4.51 -6.74 6.30
N ARG A 19 3.69 -6.87 5.26
CA ARG A 19 3.58 -8.11 4.51
C ARG A 19 4.42 -8.05 3.24
N HIS A 20 4.34 -6.92 2.54
CA HIS A 20 5.10 -6.73 1.31
C HIS A 20 6.08 -5.56 1.44
N GLY A 21 5.67 -4.54 2.18
CA GLY A 21 6.52 -3.38 2.38
C GLY A 21 6.04 -2.18 1.60
N GLU A 22 5.13 -2.39 0.67
CA GLU A 22 4.58 -1.31 -0.13
C GLU A 22 3.85 -0.29 0.74
N LYS A 23 3.95 0.98 0.37
CA LYS A 23 3.30 2.04 1.11
C LYS A 23 1.78 1.92 1.01
N LEU A 24 1.12 1.83 2.16
CA LEU A 24 -0.34 1.71 2.21
C LEU A 24 -1.00 3.04 1.88
N LEU A 25 -1.49 3.16 0.64
CA LEU A 25 -2.15 4.38 0.20
C LEU A 25 -3.61 4.10 -0.17
N LEU A 26 -4.01 2.84 -0.06
CA LEU A 26 -5.38 2.45 -0.38
C LEU A 26 -6.14 2.03 0.88
N PHE A 27 -7.33 2.59 1.06
CA PHE A 27 -8.15 2.28 2.22
C PHE A 27 -9.31 1.36 1.84
N CYS A 28 -9.21 0.10 2.22
CA CYS A 28 -10.24 -0.88 1.91
C CYS A 28 -11.55 -0.53 2.61
N GLN A 29 -12.66 -0.68 1.90
CA GLN A 29 -13.98 -0.38 2.46
C GLN A 29 -14.59 -1.61 3.12
N GLU A 30 -14.40 -2.76 2.48
CA GLU A 30 -14.93 -4.02 3.01
C GLU A 30 -14.35 -4.32 4.39
N ASP A 31 -13.03 -4.25 4.49
CA ASP A 31 -12.35 -4.51 5.76
C ASP A 31 -12.16 -3.23 6.56
N GLY A 32 -12.13 -2.10 5.85
CA GLY A 32 -11.95 -0.82 6.51
C GLY A 32 -10.53 -0.60 6.98
N LYS A 33 -9.58 -1.26 6.32
CA LYS A 33 -8.17 -1.14 6.68
C LYS A 33 -7.34 -0.77 5.46
N VAL A 34 -6.27 0.00 5.68
CA VAL A 34 -5.39 0.42 4.60
C VAL A 34 -4.54 -0.76 4.10
N ILE A 35 -4.63 -1.02 2.80
CA ILE A 35 -3.86 -2.11 2.20
C ILE A 35 -3.02 -1.61 1.03
N CYS A 36 -2.01 -2.40 0.65
CA CYS A 36 -1.13 -2.03 -0.45
C CYS A 36 -1.52 -2.78 -1.72
N TRP A 37 -0.96 -2.36 -2.85
CA TRP A 37 -1.25 -2.98 -4.13
C TRP A 37 -1.21 -4.50 -4.02
N LEU A 38 -0.10 -5.02 -3.52
CA LEU A 38 0.07 -6.47 -3.36
C LEU A 38 -1.13 -7.07 -2.64
N CYS A 39 -1.60 -6.38 -1.61
CA CYS A 39 -2.74 -6.84 -0.82
C CYS A 39 -4.04 -6.73 -1.63
N GLU A 40 -4.23 -5.58 -2.26
CA GLU A 40 -5.43 -5.34 -3.07
C GLU A 40 -5.54 -6.39 -4.19
N ARG A 41 -4.42 -6.70 -4.80
CA ARG A 41 -4.38 -7.68 -5.89
C ARG A 41 -4.49 -9.10 -5.33
N SER A 42 -4.51 -9.22 -4.02
CA SER A 42 -4.60 -10.53 -3.37
C SER A 42 -6.06 -10.93 -3.17
N GLN A 43 -6.35 -12.21 -3.43
CA GLN A 43 -7.70 -12.72 -3.28
C GLN A 43 -8.30 -12.32 -1.93
N GLU A 44 -7.44 -12.15 -0.94
CA GLU A 44 -7.87 -11.77 0.40
C GLU A 44 -8.71 -10.48 0.35
N HIS A 45 -8.33 -9.58 -0.56
CA HIS A 45 -9.03 -8.31 -0.71
C HIS A 45 -9.64 -8.19 -2.10
N ARG A 46 -9.55 -9.27 -2.88
CA ARG A 46 -10.10 -9.28 -4.23
C ARG A 46 -11.60 -8.99 -4.22
N GLY A 47 -12.00 -7.98 -4.98
CA GLY A 47 -13.40 -7.62 -5.05
C GLY A 47 -13.77 -6.53 -4.05
N HIS A 48 -12.76 -6.01 -3.36
CA HIS A 48 -12.97 -4.97 -2.37
C HIS A 48 -12.61 -3.60 -2.93
N HIS A 49 -13.59 -2.69 -2.95
CA HIS A 49 -13.37 -1.34 -3.47
C HIS A 49 -12.33 -0.60 -2.63
N THR A 50 -11.25 -0.18 -3.27
CA THR A 50 -10.19 0.55 -2.58
C THR A 50 -10.12 2.00 -3.04
N PHE A 51 -9.90 2.91 -2.10
CA PHE A 51 -9.81 4.33 -2.40
C PHE A 51 -8.51 4.93 -1.90
N PRO A 52 -7.92 5.84 -2.69
CA PRO A 52 -6.66 6.49 -2.35
C PRO A 52 -6.82 7.46 -1.17
N THR A 53 -6.84 6.92 0.04
CA THR A 53 -6.98 7.73 1.24
C THR A 53 -5.79 8.68 1.41
N SER A 54 -4.60 8.18 1.08
CA SER A 54 -3.39 8.97 1.20
C SER A 54 -3.17 9.85 -0.04
N GLY A 55 -3.20 9.21 -1.21
CA GLY A 55 -3.01 9.93 -2.45
C GLY A 55 -3.83 11.22 -2.50
N PRO A 56 -3.13 12.36 -2.48
CA PRO A 56 -3.78 13.68 -2.53
C PRO A 56 -4.41 13.96 -3.88
N SER A 57 -5.74 14.00 -3.92
CA SER A 57 -6.46 14.26 -5.16
C SER A 57 -7.51 15.34 -4.95
N SER A 58 -7.34 16.46 -5.64
CA SER A 58 -8.28 17.58 -5.53
C SER A 58 -9.68 17.16 -5.94
N GLY A 59 -10.64 18.06 -5.78
CA GLY A 59 -12.02 17.76 -6.14
C GLY A 59 -12.73 18.95 -6.75
ZN ZN B . 0.64 -5.85 1.45
ZN ZN C . -10.64 -5.86 1.85
N GLY A 1 10.15 -11.21 -5.41
CA GLY A 1 10.43 -12.00 -4.22
C GLY A 1 11.70 -11.55 -3.51
N SER A 2 12.82 -11.63 -4.22
CA SER A 2 14.11 -11.23 -3.65
C SER A 2 14.40 -9.77 -3.95
N SER A 3 14.25 -9.38 -5.21
CA SER A 3 14.50 -8.00 -5.63
C SER A 3 13.69 -7.02 -4.78
N GLY A 4 14.37 -6.04 -4.21
CA GLY A 4 13.70 -5.05 -3.38
C GLY A 4 14.48 -4.73 -2.12
N SER A 5 13.76 -4.36 -1.06
CA SER A 5 14.40 -4.01 0.21
C SER A 5 15.04 -5.24 0.85
N SER A 6 16.36 -5.25 0.89
CA SER A 6 17.11 -6.36 1.47
C SER A 6 16.62 -6.65 2.89
N GLY A 7 16.42 -5.59 3.66
CA GLY A 7 15.96 -5.75 5.03
C GLY A 7 16.59 -4.74 5.98
N SER A 8 15.85 -4.33 6.99
CA SER A 8 16.34 -3.36 7.96
C SER A 8 16.75 -2.07 7.27
N PRO A 9 15.88 -1.57 6.38
CA PRO A 9 16.14 -0.33 5.64
C PRO A 9 16.07 0.90 6.52
N GLU A 10 15.35 0.78 7.64
CA GLU A 10 15.21 1.89 8.58
C GLU A 10 15.20 3.23 7.84
N GLY A 11 14.66 3.22 6.63
CA GLY A 11 14.59 4.43 5.84
C GLY A 11 13.17 4.97 5.71
N GLN A 12 12.84 5.49 4.53
CA GLN A 12 11.51 6.03 4.28
C GLN A 12 10.44 4.95 4.40
N LYS A 13 9.63 5.03 5.45
CA LYS A 13 8.57 4.06 5.67
C LYS A 13 7.29 4.75 6.11
N VAL A 14 6.32 4.83 5.20
CA VAL A 14 5.04 5.46 5.49
C VAL A 14 3.88 4.52 5.21
N ASP A 15 3.34 3.94 6.27
CA ASP A 15 2.21 3.00 6.14
C ASP A 15 2.57 1.86 5.19
N HIS A 16 3.73 1.27 5.40
CA HIS A 16 4.19 0.16 4.57
C HIS A 16 3.68 -1.17 5.11
N CYS A 17 3.07 -1.97 4.23
CA CYS A 17 2.54 -3.26 4.61
C CYS A 17 3.62 -4.12 5.26
N ALA A 18 3.36 -4.57 6.49
CA ALA A 18 4.31 -5.40 7.22
C ALA A 18 4.43 -6.79 6.59
N ARG A 19 3.58 -7.05 5.59
CA ARG A 19 3.58 -8.33 4.91
C ARG A 19 4.35 -8.24 3.60
N HIS A 20 4.02 -7.26 2.78
CA HIS A 20 4.68 -7.05 1.49
C HIS A 20 5.76 -5.98 1.61
N GLY A 21 5.44 -4.90 2.30
CA GLY A 21 6.39 -3.81 2.47
C GLY A 21 6.15 -2.69 1.48
N GLU A 22 4.97 -2.66 0.88
CA GLU A 22 4.62 -1.63 -0.08
C GLU A 22 3.86 -0.48 0.59
N LYS A 23 4.01 0.72 0.05
CA LYS A 23 3.34 1.89 0.59
C LYS A 23 1.82 1.75 0.50
N LEU A 24 1.15 1.88 1.64
CA LEU A 24 -0.30 1.77 1.69
C LEU A 24 -0.96 3.11 1.41
N LEU A 25 -1.49 3.25 0.20
CA LEU A 25 -2.15 4.50 -0.20
C LEU A 25 -3.63 4.24 -0.53
N LEU A 26 -4.12 3.06 -0.16
CA LEU A 26 -5.50 2.70 -0.41
C LEU A 26 -6.20 2.28 0.88
N PHE A 27 -7.49 2.63 0.99
CA PHE A 27 -8.26 2.29 2.17
C PHE A 27 -9.45 1.41 1.80
N CYS A 28 -9.38 0.14 2.20
CA CYS A 28 -10.44 -0.82 1.92
C CYS A 28 -11.71 -0.47 2.68
N GLN A 29 -12.86 -0.66 2.04
CA GLN A 29 -14.14 -0.36 2.66
C GLN A 29 -14.72 -1.60 3.34
N GLU A 30 -14.59 -2.75 2.68
CA GLU A 30 -15.09 -4.00 3.23
C GLU A 30 -14.46 -4.31 4.58
N ASP A 31 -13.16 -4.06 4.68
CA ASP A 31 -12.43 -4.32 5.93
C ASP A 31 -12.24 -3.02 6.71
N GLY A 32 -12.01 -1.92 6.00
CA GLY A 32 -11.82 -0.64 6.64
C GLY A 32 -10.38 -0.42 7.08
N LYS A 33 -9.44 -0.98 6.32
CA LYS A 33 -8.03 -0.85 6.64
C LYS A 33 -7.23 -0.40 5.42
N VAL A 34 -5.98 -0.03 5.63
CA VAL A 34 -5.12 0.43 4.54
C VAL A 34 -4.39 -0.75 3.90
N ILE A 35 -4.70 -1.00 2.63
CA ILE A 35 -4.07 -2.10 1.90
C ILE A 35 -3.10 -1.56 0.84
N CYS A 36 -2.17 -2.41 0.43
CA CYS A 36 -1.19 -2.03 -0.59
C CYS A 36 -1.49 -2.70 -1.92
N TRP A 37 -0.67 -2.44 -2.92
CA TRP A 37 -0.84 -3.00 -4.25
C TRP A 37 -0.96 -4.52 -4.17
N LEU A 38 -0.01 -5.15 -3.46
CA LEU A 38 -0.02 -6.61 -3.31
C LEU A 38 -1.32 -7.08 -2.68
N CYS A 39 -1.73 -6.43 -1.61
CA CYS A 39 -2.96 -6.79 -0.92
C CYS A 39 -4.17 -6.63 -1.84
N GLU A 40 -4.21 -5.51 -2.56
CA GLU A 40 -5.31 -5.23 -3.48
C GLU A 40 -5.42 -6.32 -4.54
N ARG A 41 -4.27 -6.76 -5.04
CA ARG A 41 -4.23 -7.79 -6.07
C ARG A 41 -4.16 -9.18 -5.44
N SER A 42 -4.49 -9.26 -4.16
CA SER A 42 -4.46 -10.53 -3.44
C SER A 42 -5.87 -10.99 -3.09
N GLN A 43 -6.10 -12.29 -3.18
CA GLN A 43 -7.41 -12.86 -2.89
C GLN A 43 -7.96 -12.30 -1.58
N GLU A 44 -7.07 -11.96 -0.67
CA GLU A 44 -7.46 -11.41 0.63
C GLU A 44 -8.37 -10.20 0.45
N HIS A 45 -7.94 -9.27 -0.41
CA HIS A 45 -8.73 -8.06 -0.68
C HIS A 45 -9.15 -8.01 -2.14
N ARG A 46 -9.00 -9.12 -2.83
CA ARG A 46 -9.38 -9.20 -4.24
C ARG A 46 -10.87 -8.91 -4.44
N GLY A 47 -11.17 -7.92 -5.28
CA GLY A 47 -12.55 -7.57 -5.53
C GLY A 47 -13.11 -6.63 -4.48
N HIS A 48 -12.23 -6.04 -3.69
CA HIS A 48 -12.64 -5.12 -2.64
C HIS A 48 -12.54 -3.68 -3.12
N HIS A 49 -13.53 -2.87 -2.76
CA HIS A 49 -13.55 -1.46 -3.14
C HIS A 49 -12.64 -0.63 -2.25
N THR A 50 -11.55 -0.13 -2.83
CA THR A 50 -10.59 0.67 -2.08
C THR A 50 -10.54 2.10 -2.62
N PHE A 51 -10.18 3.04 -1.75
CA PHE A 51 -10.09 4.44 -2.13
C PHE A 51 -8.81 5.08 -1.60
N PRO A 52 -8.30 6.08 -2.31
CA PRO A 52 -7.07 6.80 -1.93
C PRO A 52 -7.27 7.66 -0.68
N THR A 53 -6.87 7.12 0.47
CA THR A 53 -7.00 7.84 1.73
C THR A 53 -5.84 8.80 1.94
N SER A 54 -4.65 8.41 1.45
CA SER A 54 -3.46 9.23 1.60
C SER A 54 -3.38 10.27 0.48
N GLY A 55 -3.69 9.85 -0.74
CA GLY A 55 -3.64 10.75 -1.87
C GLY A 55 -4.07 12.16 -1.50
N PRO A 56 -3.09 13.06 -1.34
CA PRO A 56 -3.33 14.46 -0.99
C PRO A 56 -3.99 15.24 -2.12
N SER A 57 -3.99 14.64 -3.31
CA SER A 57 -4.58 15.28 -4.48
C SER A 57 -5.92 15.92 -4.13
N SER A 58 -6.83 15.11 -3.58
CA SER A 58 -8.15 15.59 -3.21
C SER A 58 -8.12 16.32 -1.87
N GLY A 59 -7.56 15.65 -0.86
CA GLY A 59 -7.47 16.25 0.46
C GLY A 59 -8.53 15.72 1.41
ZN ZN B . 0.21 -6.09 1.68
ZN ZN C . -10.56 -5.72 1.89
#